data_9M31
#
_entry.id   9M31
#
_cell.length_a   1.00
_cell.length_b   1.00
_cell.length_c   1.00
_cell.angle_alpha   90.00
_cell.angle_beta   90.00
_cell.angle_gamma   90.00
#
_symmetry.space_group_name_H-M   'P 1'
#
loop_
_entity.id
_entity.type
_entity.pdbx_description
1 polymer CasRx
2 polymer 'RNA (51-MER)'
3 non-polymer 'MAGNESIUM ION'
#
loop_
_entity_poly.entity_id
_entity_poly.type
_entity_poly.pdbx_seq_one_letter_code
_entity_poly.pdbx_strand_id
1 'polypeptide(L)'
;MIEKKKSFAKGMGVKSTLVSGSKVYMTTFAEGSDARLEKIVEGDSIRSVNEGEAFSAEMADKNAGYKIGNAKFSHPKGYA
VVANNPLYTGPVQQDMLGLKETLEKRYFGESADGNDNICIQVIHNILDIEKILAEYITNAAYAVNNISGLDKDIIGFGKF
STVYTYDEFKDPEHHRAAFNNNDKLINAIKAQYDEFDNFLDNPRLGYFGQAFFSKEGRNYIINYGNECYDILALLSGLAH
WVVANNEEESRISRTWLYNLDKNLDNEYISTLNYLYDRITNELTNSFSKNSAANVNYIAETLGINPAEFAEQYFRFSIMK
EQKNLGFNITKLREVMLDRKDMSEIRKNHKVFDSIRTKVYTMMDFVIYRYYIEEDAKVAAANKSLPDNEKSLSEKDIFVI
NLRGSFNDDQKDALYYDEANRIWRKLENIMHNIKEFRGNKTREYKKKDAPRLPRILPAGRDVSAFSKLMYALTMFLDGKE
INDLLTTLINKFDNIQSFLKVMPLIGVNAKFVEEYAFFKDSAKIADELRLIKSFARMGEPIADARRAMYIDAIRILGTNL
SYDELKALADTFSLDENGNKLKKGKHGMRNFIINNVISNKRFHYLIRYGDPAHLHEIAKNEAVVKFVLGRIADIQKKQGQ
NGKNQIDRYYETCIGKDKGKSVSEKVDALTKIITGMNYDQFDKKRSVIEDTGRENAEREKFKKIISLYLTVIYHILKNIV
NINARYVIGFHCVERDAQLYKEKGYDINLKKLEEKGFSSVTKLCAGIDETAPDKRKDVEKEMAERAKESIDSLESANPKL
YANYIKYSDEKKAEEFTRQINREKAKTALNAYLRNTKWNVIIREDLLRIDNKTCTLFANKAVALEVARYVHAYINDIAEV
NSYFQLYHYIMQRIIMNERYEKSSGKVSEYFDAVNDEKKYNDRLLKLLCVPFGYCIPRFKNLSIEALFDRNEAAKFDKEK
KKVSGNS
;
A
2 'polyribonucleotide' AACCCCUACCAACUGGUCGGGGUUUGAAACGCCAACGAACAUCAUGACAGC B
#
loop_
_chem_comp.id
_chem_comp.type
_chem_comp.name
_chem_comp.formula
A RNA linking ADENOSINE-5'-MONOPHOSPHATE 'C10 H14 N5 O7 P'
C RNA linking CYTIDINE-5'-MONOPHOSPHATE 'C9 H14 N3 O8 P'
G RNA linking GUANOSINE-5'-MONOPHOSPHATE 'C10 H14 N5 O8 P'
MG non-polymer 'MAGNESIUM ION' 'Mg 2'
U RNA linking URIDINE-5'-MONOPHOSPHATE 'C9 H13 N2 O9 P'
#
# COMPACT_ATOMS: atom_id res chain seq x y z
N LYS A 5 16.80 -13.29 0.75
CA LYS A 5 17.67 -14.02 1.67
C LYS A 5 17.86 -13.25 2.96
N LYS A 6 17.31 -13.79 4.06
CA LYS A 6 17.49 -13.16 5.36
C LYS A 6 18.94 -13.29 5.81
N SER A 7 19.47 -12.23 6.39
CA SER A 7 20.84 -12.26 6.89
C SER A 7 20.92 -13.14 8.13
N PHE A 8 22.04 -13.85 8.28
CA PHE A 8 22.22 -14.75 9.41
C PHE A 8 22.39 -14.01 10.71
N ALA A 9 22.91 -12.79 10.68
CA ALA A 9 23.11 -12.03 11.92
C ALA A 9 21.79 -11.74 12.61
N LYS A 10 20.75 -11.40 11.84
CA LYS A 10 19.44 -11.16 12.43
C LYS A 10 18.89 -12.43 13.07
N GLY A 11 19.11 -13.57 12.44
CA GLY A 11 18.69 -14.83 13.05
C GLY A 11 19.44 -15.14 14.33
N MET A 12 20.73 -14.78 14.38
CA MET A 12 21.51 -15.00 15.59
C MET A 12 21.17 -14.04 16.71
N GLY A 13 20.35 -13.03 16.46
CA GLY A 13 19.87 -12.13 17.49
C GLY A 13 20.33 -10.69 17.36
N VAL A 14 21.22 -10.37 16.44
CA VAL A 14 21.70 -9.00 16.28
C VAL A 14 20.63 -8.18 15.58
N LYS A 15 20.21 -7.09 16.21
CA LYS A 15 19.13 -6.25 15.71
C LYS A 15 19.63 -4.92 15.18
N SER A 16 20.53 -4.26 15.90
CA SER A 16 21.03 -2.97 15.43
C SER A 16 22.45 -2.76 15.94
N THR A 17 23.19 -1.90 15.22
CA THR A 17 24.56 -1.53 15.58
C THR A 17 24.68 -0.02 15.43
N LEU A 18 24.61 0.69 16.55
CA LEU A 18 24.53 2.15 16.58
C LEU A 18 25.83 2.75 17.06
N VAL A 19 26.06 4.01 16.67
CA VAL A 19 27.26 4.75 17.01
C VAL A 19 26.86 5.99 17.77
N SER A 20 27.50 6.24 18.92
CA SER A 20 27.26 7.43 19.72
C SER A 20 28.60 7.91 20.28
N GLY A 21 29.10 9.02 19.75
CA GLY A 21 30.41 9.50 20.14
C GLY A 21 31.53 8.68 19.54
N SER A 22 32.27 7.96 20.37
CA SER A 22 33.30 7.04 19.92
C SER A 22 33.01 5.61 20.35
N LYS A 23 31.77 5.32 20.72
CA LYS A 23 31.38 4.02 21.22
C LYS A 23 30.37 3.38 20.28
N VAL A 24 30.40 2.05 20.23
CA VAL A 24 29.47 1.28 19.40
C VAL A 24 28.58 0.47 20.33
N TYR A 25 27.26 0.63 20.17
CA TYR A 25 26.27 -0.07 20.97
C TYR A 25 25.50 -1.03 20.08
N MET A 26 25.49 -2.31 20.44
CA MET A 26 24.71 -3.30 19.73
C MET A 26 23.45 -3.64 20.50
N THR A 27 22.37 -3.89 19.77
CA THR A 27 21.04 -4.01 20.34
C THR A 27 20.36 -5.24 19.75
N THR A 28 19.58 -5.93 20.58
CA THR A 28 18.90 -7.18 20.21
C THR A 28 17.40 -7.05 20.40
N PHE A 29 16.68 -8.03 19.87
CA PHE A 29 15.22 -8.06 19.96
C PHE A 29 14.76 -8.41 21.36
N ALA A 30 13.74 -7.70 21.84
CA ALA A 30 13.20 -7.96 23.17
C ALA A 30 11.76 -8.46 23.13
N GLU A 31 10.82 -7.70 22.57
CA GLU A 31 9.42 -8.09 22.55
C GLU A 31 8.70 -7.24 21.52
N GLY A 32 8.15 -7.88 20.49
CA GLY A 32 7.49 -7.15 19.42
C GLY A 32 8.44 -6.25 18.67
N SER A 33 8.27 -4.95 18.83
CA SER A 33 9.15 -3.96 18.21
C SER A 33 10.16 -3.37 19.18
N ASP A 34 10.14 -3.79 20.43
CA ASP A 34 11.04 -3.24 21.43
C ASP A 34 12.46 -3.74 21.22
N ALA A 35 13.40 -3.07 21.86
CA ALA A 35 14.82 -3.33 21.69
C ALA A 35 15.51 -3.32 23.05
N ARG A 36 16.56 -4.12 23.19
CA ARG A 36 17.32 -4.20 24.42
C ARG A 36 18.80 -4.12 24.11
N LEU A 37 19.52 -3.26 24.84
CA LEU A 37 20.95 -3.10 24.63
C LEU A 37 21.69 -4.36 25.08
N GLU A 38 22.67 -4.80 24.28
CA GLU A 38 23.39 -6.04 24.56
C GLU A 38 24.87 -5.83 24.79
N LYS A 39 25.58 -5.16 23.87
CA LYS A 39 27.02 -5.03 23.94
C LYS A 39 27.43 -3.57 23.84
N ILE A 40 28.56 -3.26 24.50
CA ILE A 40 29.19 -1.95 24.41
C ILE A 40 30.64 -2.16 24.00
N VAL A 41 31.08 -1.44 22.97
CA VAL A 41 32.41 -1.61 22.40
C VAL A 41 33.20 -0.33 22.63
N GLU A 42 34.36 -0.46 23.28
CA GLU A 42 35.28 0.64 23.53
C GLU A 42 36.65 0.23 23.03
N GLY A 43 37.09 0.84 21.92
CA GLY A 43 38.35 0.49 21.32
C GLY A 43 38.39 -0.96 20.87
N ASP A 44 39.16 -1.79 21.57
CA ASP A 44 39.25 -3.21 21.28
C ASP A 44 38.54 -4.07 22.31
N SER A 45 37.76 -3.48 23.20
CA SER A 45 37.12 -4.19 24.29
C SER A 45 35.62 -4.26 24.08
N ILE A 46 35.05 -5.43 24.34
CA ILE A 46 33.61 -5.68 24.21
C ILE A 46 33.07 -6.10 25.56
N ARG A 47 32.03 -5.39 26.03
CA ARG A 47 31.39 -5.71 27.29
C ARG A 47 29.93 -6.07 27.05
N SER A 48 29.42 -6.97 27.89
CA SER A 48 28.03 -7.40 27.84
C SER A 48 27.29 -6.77 29.01
N VAL A 49 26.20 -6.05 28.69
CA VAL A 49 25.45 -5.35 29.72
C VAL A 49 24.68 -6.33 30.61
N ASN A 50 24.02 -7.31 30.00
CA ASN A 50 23.13 -8.21 30.73
C ASN A 50 23.88 -9.44 31.22
N GLU A 51 23.26 -10.14 32.17
CA GLU A 51 23.85 -11.35 32.72
C GLU A 51 23.93 -12.46 31.67
N GLY A 52 22.82 -12.72 30.99
CA GLY A 52 22.84 -13.69 29.91
C GLY A 52 23.29 -13.08 28.61
N GLU A 53 23.39 -13.92 27.59
CA GLU A 53 23.84 -13.49 26.27
C GLU A 53 22.83 -13.95 25.22
N ALA A 54 22.33 -13.01 24.43
CA ALA A 54 21.56 -13.36 23.25
C ALA A 54 22.47 -13.82 22.11
N PHE A 55 23.68 -13.29 22.05
CA PHE A 55 24.68 -13.69 21.06
C PHE A 55 26.05 -13.34 21.60
N SER A 56 27.04 -14.13 21.21
CA SER A 56 28.43 -13.88 21.58
C SER A 56 29.14 -13.18 20.44
N ALA A 57 29.82 -12.08 20.75
CA ALA A 57 30.52 -11.29 19.74
C ALA A 57 31.97 -11.08 20.16
N GLU A 58 32.89 -11.33 19.24
CA GLU A 58 34.31 -11.09 19.53
C GLU A 58 34.97 -10.38 18.35
N MET A 59 36.03 -9.63 18.65
CA MET A 59 36.69 -8.82 17.64
C MET A 59 37.37 -9.69 16.59
N ALA A 60 37.23 -9.30 15.33
CA ALA A 60 37.72 -10.05 14.20
C ALA A 60 39.09 -9.53 13.75
N ASP A 61 39.55 -10.01 12.60
CA ASP A 61 40.87 -9.66 12.10
C ASP A 61 40.92 -8.21 11.62
N LYS A 62 42.03 -7.54 11.93
CA LYS A 62 42.27 -6.14 11.57
C LYS A 62 41.22 -5.20 12.15
N ASN A 63 40.52 -5.64 13.19
CA ASN A 63 39.49 -4.83 13.85
C ASN A 63 38.43 -4.35 12.87
N ALA A 64 38.12 -5.15 11.86
CA ALA A 64 37.21 -4.76 10.79
C ALA A 64 35.79 -5.26 11.01
N GLY A 65 35.52 -5.93 12.12
CA GLY A 65 34.18 -6.43 12.38
C GLY A 65 34.14 -7.22 13.65
N TYR A 66 32.95 -7.73 13.95
CA TYR A 66 32.71 -8.57 15.12
C TYR A 66 32.14 -9.90 14.67
N LYS A 67 32.83 -10.99 15.01
CA LYS A 67 32.29 -12.31 14.77
C LYS A 67 31.16 -12.60 15.75
N ILE A 68 30.06 -13.10 15.20
CA ILE A 68 28.82 -13.35 15.95
C ILE A 68 28.58 -14.84 16.00
N GLY A 69 28.16 -15.33 17.16
CA GLY A 69 27.83 -16.74 17.32
C GLY A 69 26.67 -16.92 18.27
N ASN A 70 25.87 -17.95 17.97
CA ASN A 70 24.76 -18.34 18.82
C ASN A 70 24.82 -19.84 19.07
N ALA A 71 24.49 -20.25 20.29
CA ALA A 71 24.57 -21.66 20.66
C ALA A 71 23.53 -22.49 19.90
N LYS A 72 22.33 -21.96 19.73
CA LYS A 72 21.24 -22.72 19.12
C LYS A 72 21.27 -22.66 17.60
N PHE A 73 21.33 -21.45 17.03
CA PHE A 73 21.20 -21.24 15.60
C PHE A 73 22.58 -20.94 15.01
N SER A 74 23.19 -21.96 14.43
CA SER A 74 24.50 -21.82 13.79
C SER A 74 24.34 -21.74 12.28
N HIS A 75 25.37 -21.20 11.63
CA HIS A 75 25.36 -21.11 10.18
C HIS A 75 25.35 -22.51 9.56
N PRO A 76 24.43 -22.79 8.64
CA PRO A 76 24.31 -24.18 8.14
C PRO A 76 25.58 -24.71 7.50
N LYS A 77 26.34 -23.88 6.79
CA LYS A 77 27.54 -24.35 6.11
C LYS A 77 28.81 -24.10 6.89
N GLY A 78 28.72 -23.57 8.11
CA GLY A 78 29.88 -23.42 8.96
C GLY A 78 30.70 -22.16 8.72
N TYR A 79 30.29 -21.29 7.81
CA TYR A 79 31.04 -20.08 7.56
C TYR A 79 30.89 -19.09 8.71
N ALA A 80 31.80 -18.13 8.76
CA ALA A 80 31.81 -17.14 9.82
C ALA A 80 30.86 -15.99 9.49
N VAL A 81 30.23 -15.45 10.53
CA VAL A 81 29.31 -14.33 10.41
C VAL A 81 29.95 -13.13 11.10
N VAL A 82 30.15 -12.05 10.35
CA VAL A 82 30.86 -10.87 10.83
C VAL A 82 29.96 -9.65 10.63
N ALA A 83 29.77 -8.88 11.68
CA ALA A 83 29.03 -7.62 11.63
C ALA A 83 30.01 -6.47 11.51
N ASN A 84 29.68 -5.51 10.66
CA ASN A 84 30.63 -4.47 10.28
C ASN A 84 30.85 -3.46 11.39
N ASN A 85 32.07 -2.91 11.41
CA ASN A 85 32.46 -1.89 12.38
C ASN A 85 32.28 -0.53 11.74
N PRO A 86 31.34 0.29 12.22
CA PRO A 86 31.09 1.59 11.57
C PRO A 86 32.27 2.55 11.63
N LEU A 87 33.18 2.39 12.59
CA LEU A 87 34.31 3.30 12.76
C LEU A 87 35.57 2.82 12.05
N TYR A 88 35.50 1.69 11.36
CA TYR A 88 36.69 1.18 10.65
C TYR A 88 37.14 2.14 9.57
N THR A 89 36.19 2.66 8.78
CA THR A 89 36.56 3.54 7.67
C THR A 89 36.96 4.92 8.16
N GLY A 90 36.27 5.42 9.18
CA GLY A 90 36.54 6.75 9.70
C GLY A 90 35.42 7.22 10.61
N PRO A 91 34.92 8.42 10.37
CA PRO A 91 33.80 8.94 11.15
C PRO A 91 32.48 8.26 10.78
N VAL A 92 31.37 8.76 11.33
CA VAL A 92 30.07 8.17 11.08
C VAL A 92 29.76 8.25 9.59
N GLN A 93 29.24 7.15 9.04
CA GLN A 93 28.91 7.12 7.62
C GLN A 93 27.75 8.06 7.32
N GLN A 94 27.69 8.53 6.09
CA GLN A 94 26.75 9.55 5.68
C GLN A 94 25.58 8.95 4.90
N ASP A 95 24.57 9.78 4.69
CA ASP A 95 23.46 9.42 3.83
C ASP A 95 23.93 9.31 2.38
N MET A 96 23.19 8.51 1.59
CA MET A 96 23.56 8.32 0.20
C MET A 96 23.48 9.62 -0.58
N LEU A 97 22.43 10.40 -0.35
CA LEU A 97 22.27 11.69 -1.02
C LEU A 97 23.05 12.81 -0.34
N GLY A 98 23.64 12.56 0.82
CA GLY A 98 24.35 13.60 1.55
C GLY A 98 23.46 14.69 2.10
N LEU A 99 22.31 14.33 2.66
CA LEU A 99 21.37 15.28 3.26
C LEU A 99 21.18 14.99 4.75
N LYS A 100 22.17 14.38 5.39
CA LYS A 100 22.05 14.02 6.79
C LYS A 100 21.89 15.25 7.68
N GLU A 101 22.79 16.22 7.53
CA GLU A 101 22.79 17.39 8.42
C GLU A 101 21.54 18.23 8.22
N THR A 102 21.10 18.41 6.98
CA THR A 102 19.92 19.24 6.73
C THR A 102 18.68 18.64 7.36
N LEU A 103 18.46 17.34 7.17
CA LEU A 103 17.30 16.68 7.76
C LEU A 103 17.37 16.69 9.28
N GLU A 104 18.56 16.43 9.83
CA GLU A 104 18.71 16.45 11.29
C GLU A 104 18.40 17.83 11.85
N LYS A 105 18.91 18.88 11.19
CA LYS A 105 18.58 20.24 11.62
C LYS A 105 17.09 20.47 11.57
N ARG A 106 16.45 20.13 10.44
CA ARG A 106 15.03 20.41 10.27
C ARG A 106 14.19 19.71 11.33
N TYR A 107 14.51 18.46 11.66
CA TYR A 107 13.68 17.71 12.59
C TYR A 107 14.11 17.80 14.05
N PHE A 108 15.28 18.37 14.34
CA PHE A 108 15.75 18.34 15.73
C PHE A 108 16.38 19.64 16.21
N GLY A 109 16.32 20.73 15.45
CA GLY A 109 16.95 21.95 15.91
C GLY A 109 18.45 21.78 16.04
N GLU A 110 19.02 22.45 17.06
CA GLU A 110 20.42 22.33 17.37
C GLU A 110 20.70 21.24 18.41
N SER A 111 19.68 20.47 18.81
CA SER A 111 19.88 19.41 19.78
C SER A 111 20.57 18.19 19.18
N ALA A 112 20.75 18.14 17.86
CA ALA A 112 21.49 17.09 17.20
C ALA A 112 22.83 17.63 16.72
N ASP A 113 23.89 16.86 16.96
CA ASP A 113 25.25 17.33 16.73
C ASP A 113 26.01 16.58 15.64
N GLY A 114 25.52 15.42 15.21
CA GLY A 114 26.12 14.72 14.09
C GLY A 114 27.04 13.58 14.43
N ASN A 115 27.30 13.34 15.72
CA ASN A 115 28.14 12.21 16.12
C ASN A 115 27.32 10.97 16.46
N ASP A 116 26.43 10.59 15.53
CA ASP A 116 25.56 9.44 15.72
C ASP A 116 24.93 9.08 14.38
N ASN A 117 24.31 7.90 14.34
CA ASN A 117 23.60 7.44 13.15
C ASN A 117 22.23 6.92 13.52
N ILE A 118 21.56 7.58 14.47
CA ILE A 118 20.28 7.13 15.00
C ILE A 118 19.14 8.05 14.61
N CYS A 119 19.38 9.36 14.53
CA CYS A 119 18.31 10.29 14.18
C CYS A 119 17.91 10.14 12.72
N ILE A 120 18.88 9.89 11.83
CA ILE A 120 18.59 9.78 10.41
C ILE A 120 17.61 8.64 10.15
N GLN A 121 17.59 7.62 11.00
CA GLN A 121 16.71 6.49 10.79
C GLN A 121 15.26 6.83 11.10
N VAL A 122 15.01 7.56 12.20
CA VAL A 122 13.64 8.01 12.45
C VAL A 122 13.20 9.00 11.37
N ILE A 123 14.14 9.80 10.86
CA ILE A 123 13.80 10.71 9.77
C ILE A 123 13.35 9.92 8.55
N HIS A 124 14.06 8.84 8.22
CA HIS A 124 13.69 8.04 7.06
C HIS A 124 12.35 7.34 7.26
N ASN A 125 12.04 6.92 8.50
CA ASN A 125 10.72 6.34 8.76
C ASN A 125 9.62 7.37 8.52
N ILE A 126 9.82 8.61 8.98
CA ILE A 126 8.85 9.67 8.72
C ILE A 126 8.71 9.89 7.22
N LEU A 127 9.82 9.87 6.50
CA LEU A 127 9.79 10.07 5.05
C LEU A 127 8.99 8.98 4.37
N ASP A 128 9.14 7.74 4.82
CA ASP A 128 8.35 6.63 4.26
C ASP A 128 6.86 6.83 4.52
N ILE A 129 6.51 7.29 5.73
CA ILE A 129 5.11 7.59 6.03
C ILE A 129 4.55 8.60 5.04
N GLU A 130 5.29 9.70 4.83
CA GLU A 130 4.84 10.72 3.90
C GLU A 130 4.74 10.17 2.47
N LYS A 131 5.67 9.29 2.10
CA LYS A 131 5.66 8.70 0.77
C LYS A 131 4.36 7.93 0.52
N ILE A 132 4.01 7.03 1.43
CA ILE A 132 2.80 6.23 1.18
C ILE A 132 1.54 7.09 1.27
N LEU A 133 1.54 8.09 2.15
CA LEU A 133 0.38 8.99 2.22
C LEU A 133 0.19 9.74 0.91
N ALA A 134 1.28 10.24 0.32
CA ALA A 134 1.19 10.91 -0.96
C ALA A 134 0.77 9.96 -2.06
N GLU A 135 1.13 8.68 -1.95
CA GLU A 135 0.69 7.70 -2.93
C GLU A 135 -0.82 7.53 -2.90
N TYR A 136 -1.42 7.44 -1.71
CA TYR A 136 -2.84 7.06 -1.64
C TYR A 136 -3.81 8.25 -1.67
N ILE A 137 -3.37 9.43 -1.23
CA ILE A 137 -4.26 10.59 -1.30
C ILE A 137 -4.60 10.94 -2.75
N THR A 138 -3.64 10.73 -3.66
CA THR A 138 -3.89 10.99 -5.08
C THR A 138 -5.03 10.11 -5.61
N ASN A 139 -5.00 8.81 -5.26
CA ASN A 139 -6.05 7.91 -5.71
C ASN A 139 -7.40 8.30 -5.11
N ALA A 140 -7.41 8.67 -3.83
CA ALA A 140 -8.68 9.09 -3.22
C ALA A 140 -9.26 10.32 -3.94
N ALA A 141 -8.42 11.32 -4.19
CA ALA A 141 -8.90 12.53 -4.86
C ALA A 141 -9.38 12.23 -6.27
N TYR A 142 -8.67 11.35 -6.99
CA TYR A 142 -9.11 10.99 -8.33
C TYR A 142 -10.45 10.29 -8.31
N ALA A 143 -10.67 9.41 -7.32
CA ALA A 143 -11.96 8.75 -7.21
C ALA A 143 -13.07 9.76 -7.01
N VAL A 144 -12.87 10.72 -6.10
CA VAL A 144 -13.91 11.69 -5.84
C VAL A 144 -14.16 12.57 -7.06
N ASN A 145 -13.10 12.96 -7.77
CA ASN A 145 -13.28 13.78 -8.96
C ASN A 145 -13.99 13.01 -10.07
N ASN A 146 -13.66 11.72 -10.21
CA ASN A 146 -14.32 10.89 -11.22
C ASN A 146 -15.81 10.76 -10.94
N ILE A 147 -16.18 10.52 -9.68
CA ILE A 147 -17.60 10.33 -9.37
C ILE A 147 -18.38 11.62 -9.53
N SER A 148 -17.76 12.77 -9.24
CA SER A 148 -18.49 14.03 -9.19
C SER A 148 -19.13 14.36 -10.54
N GLY A 149 -18.39 14.20 -11.63
CA GLY A 149 -18.94 14.52 -12.93
C GLY A 149 -17.84 14.69 -13.96
N LEU A 150 -18.19 15.34 -15.06
CA LEU A 150 -17.26 15.61 -16.15
C LEU A 150 -16.84 17.07 -16.12
N ASP A 151 -15.52 17.30 -16.12
CA ASP A 151 -14.88 18.61 -16.03
C ASP A 151 -15.12 19.26 -14.68
N LYS A 152 -15.88 18.63 -13.78
CA LYS A 152 -16.20 19.20 -12.48
C LYS A 152 -15.19 18.73 -11.44
N ASP A 153 -14.00 19.33 -11.51
CA ASP A 153 -12.94 19.04 -10.55
C ASP A 153 -13.23 19.80 -9.26
N ILE A 154 -13.61 19.07 -8.21
CA ILE A 154 -14.09 19.67 -6.98
C ILE A 154 -12.99 19.63 -5.91
N ILE A 155 -12.05 18.71 -6.05
CA ILE A 155 -10.99 18.50 -5.08
C ILE A 155 -9.65 18.70 -5.77
N GLY A 156 -8.79 19.51 -5.16
CA GLY A 156 -7.48 19.78 -5.72
C GLY A 156 -6.77 20.92 -5.02
N PHE A 157 -6.26 21.87 -5.80
CA PHE A 157 -5.53 23.02 -5.29
C PHE A 157 -6.35 24.27 -5.54
N GLY A 158 -6.60 25.04 -4.48
CA GLY A 158 -7.38 26.26 -4.57
C GLY A 158 -8.85 26.10 -4.26
N LYS A 159 -9.32 24.90 -3.92
CA LYS A 159 -10.73 24.66 -3.65
C LYS A 159 -10.88 23.98 -2.30
N PHE A 160 -11.83 24.46 -1.49
CA PHE A 160 -12.16 23.89 -0.20
C PHE A 160 -10.92 23.78 0.69
N SER A 161 -10.34 24.94 1.01
CA SER A 161 -9.02 25.02 1.60
C SER A 161 -9.02 24.83 3.11
N THR A 162 -10.07 24.24 3.69
CA THR A 162 -10.20 23.93 5.12
C THR A 162 -9.80 25.09 6.03
N VAL A 163 -9.91 26.33 5.55
CA VAL A 163 -9.67 27.50 6.37
C VAL A 163 -11.01 28.11 6.76
N TYR A 164 -12.01 27.93 5.90
CA TYR A 164 -13.29 28.62 6.01
C TYR A 164 -14.33 27.72 6.63
N THR A 165 -15.04 28.24 7.63
CA THR A 165 -16.15 27.54 8.24
C THR A 165 -17.31 27.47 7.26
N TYR A 166 -18.18 26.47 7.44
CA TYR A 166 -19.32 26.28 6.54
C TYR A 166 -20.16 27.54 6.40
N ASP A 167 -20.35 28.28 7.50
CA ASP A 167 -21.13 29.51 7.43
C ASP A 167 -20.44 30.55 6.55
N GLU A 168 -19.12 30.70 6.68
CA GLU A 168 -18.39 31.64 5.84
C GLU A 168 -18.34 31.20 4.39
N PHE A 169 -18.61 29.93 4.11
CA PHE A 169 -18.58 29.39 2.77
C PHE A 169 -19.92 29.49 2.04
N LYS A 170 -21.02 29.57 2.78
CA LYS A 170 -22.35 29.64 2.20
C LYS A 170 -22.83 31.08 2.00
N ASP A 171 -22.43 32.00 2.87
CA ASP A 171 -22.82 33.41 2.77
C ASP A 171 -21.60 34.32 2.92
N PRO A 172 -20.72 34.34 1.92
CA PRO A 172 -19.47 35.10 2.06
C PRO A 172 -19.67 36.59 2.28
N GLU A 173 -20.78 37.16 1.83
CA GLU A 173 -21.01 38.59 1.99
C GLU A 173 -21.12 38.97 3.46
N HIS A 174 -21.83 38.17 4.26
CA HIS A 174 -21.98 38.47 5.67
C HIS A 174 -20.73 38.15 6.48
N HIS A 175 -19.74 37.49 5.88
CA HIS A 175 -18.50 37.13 6.54
C HIS A 175 -17.31 37.54 5.68
N ARG A 176 -17.34 38.78 5.18
CA ARG A 176 -16.30 39.24 4.27
C ARG A 176 -15.04 39.71 4.97
N ALA A 177 -15.06 39.82 6.30
CA ALA A 177 -13.83 40.13 7.01
C ALA A 177 -12.83 38.98 6.96
N ALA A 178 -13.32 37.75 6.80
CA ALA A 178 -12.46 36.58 6.72
C ALA A 178 -11.79 36.40 5.37
N PHE A 179 -12.25 37.11 4.34
CA PHE A 179 -11.66 37.03 3.02
C PHE A 179 -10.78 38.23 2.68
N ASN A 180 -10.49 39.07 3.67
CA ASN A 180 -9.72 40.31 3.49
C ASN A 180 -10.41 41.28 2.54
N ASN A 181 -11.74 41.20 2.44
CA ASN A 181 -12.54 42.10 1.61
C ASN A 181 -12.03 42.12 0.16
N ASN A 182 -11.77 40.94 -0.39
CA ASN A 182 -11.31 40.80 -1.76
C ASN A 182 -12.47 40.31 -2.62
N ASP A 183 -12.83 41.11 -3.63
CA ASP A 183 -13.97 40.76 -4.48
C ASP A 183 -13.65 39.57 -5.38
N LYS A 184 -12.41 39.48 -5.85
CA LYS A 184 -12.04 38.36 -6.73
C LYS A 184 -12.12 37.04 -6.00
N LEU A 185 -11.64 36.99 -4.74
CA LEU A 185 -11.68 35.75 -3.98
C LEU A 185 -13.10 35.41 -3.54
N ILE A 186 -13.90 36.44 -3.22
CA ILE A 186 -15.29 36.19 -2.84
C ILE A 186 -16.06 35.58 -4.01
N ASN A 187 -15.85 36.10 -5.21
CA ASN A 187 -16.52 35.56 -6.38
C ASN A 187 -16.08 34.13 -6.67
N ALA A 188 -14.88 33.75 -6.23
CA ALA A 188 -14.44 32.37 -6.41
C ALA A 188 -15.13 31.43 -5.43
N ILE A 189 -15.43 31.92 -4.23
CA ILE A 189 -16.08 31.08 -3.23
C ILE A 189 -17.52 30.77 -3.62
N LYS A 190 -18.24 31.78 -4.13
CA LYS A 190 -19.63 31.55 -4.53
C LYS A 190 -19.72 30.53 -5.64
N ALA A 191 -18.82 30.58 -6.62
CA ALA A 191 -18.83 29.58 -7.69
C ALA A 191 -18.56 28.20 -7.14
N GLN A 192 -17.79 28.09 -6.06
CA GLN A 192 -17.55 26.79 -5.45
C GLN A 192 -18.77 26.26 -4.73
N TYR A 193 -19.56 27.16 -4.12
CA TYR A 193 -20.78 26.70 -3.46
C TYR A 193 -21.81 26.18 -4.45
N ASP A 194 -21.88 26.76 -5.64
CA ASP A 194 -22.77 26.25 -6.67
C ASP A 194 -22.37 24.84 -7.08
N GLU A 195 -21.06 24.58 -7.20
CA GLU A 195 -20.61 23.24 -7.50
C GLU A 195 -20.86 22.29 -6.33
N PHE A 196 -20.84 22.81 -5.10
CA PHE A 196 -21.12 21.98 -3.93
C PHE A 196 -22.55 21.46 -3.96
N ASP A 197 -23.52 22.34 -4.26
CA ASP A 197 -24.91 21.90 -4.33
C ASP A 197 -25.13 20.89 -5.45
N ASN A 198 -24.53 21.13 -6.62
CA ASN A 198 -24.70 20.21 -7.74
C ASN A 198 -24.05 18.87 -7.46
N PHE A 199 -22.99 18.85 -6.65
CA PHE A 199 -22.39 17.58 -6.24
C PHE A 199 -23.22 16.89 -5.16
N LEU A 200 -23.94 17.65 -4.34
CA LEU A 200 -24.65 17.10 -3.21
C LEU A 200 -26.00 16.49 -3.58
N ASP A 201 -26.51 16.77 -4.78
CA ASP A 201 -27.71 16.12 -5.29
C ASP A 201 -27.41 15.19 -6.45
N ASN A 202 -26.15 14.78 -6.60
CA ASN A 202 -25.78 13.80 -7.59
C ASN A 202 -26.43 12.46 -7.23
N PRO A 203 -27.17 11.83 -8.15
CA PRO A 203 -27.73 10.51 -7.85
C PRO A 203 -26.70 9.45 -7.55
N ARG A 204 -25.48 9.59 -8.05
CA ARG A 204 -24.43 8.61 -7.84
C ARG A 204 -23.54 8.95 -6.65
N LEU A 205 -23.95 9.89 -5.81
CA LEU A 205 -23.23 10.17 -4.58
C LEU A 205 -23.30 9.01 -3.59
N GLY A 206 -24.29 8.13 -3.74
CA GLY A 206 -24.48 7.02 -2.82
C GLY A 206 -23.39 5.97 -2.87
N TYR A 207 -22.50 6.02 -3.85
CA TYR A 207 -21.35 5.12 -3.86
C TYR A 207 -20.47 5.34 -2.62
N PHE A 208 -20.45 6.56 -2.09
CA PHE A 208 -19.77 6.84 -0.82
C PHE A 208 -20.80 6.83 0.31
N GLY A 209 -21.28 5.62 0.61
CA GLY A 209 -22.30 5.49 1.62
C GLY A 209 -21.81 5.82 3.01
N GLN A 210 -20.61 5.37 3.37
CA GLN A 210 -20.08 5.63 4.70
C GLN A 210 -19.79 7.11 4.90
N ALA A 211 -19.28 7.78 3.86
CA ALA A 211 -18.83 9.16 4.02
C ALA A 211 -19.99 10.12 4.21
N PHE A 212 -21.06 9.96 3.44
CA PHE A 212 -22.11 10.97 3.37
C PHE A 212 -23.48 10.51 3.86
N PHE A 213 -23.72 9.20 3.95
CA PHE A 213 -25.02 8.69 4.33
C PHE A 213 -24.94 7.96 5.67
N SER A 214 -26.04 7.99 6.42
CA SER A 214 -26.13 7.31 7.69
C SER A 214 -27.42 6.50 7.74
N LYS A 215 -27.37 5.33 8.37
CA LYS A 215 -28.51 4.44 8.45
C LYS A 215 -29.33 4.78 9.69
N GLU A 216 -30.60 5.15 9.50
CA GLU A 216 -31.48 5.50 10.60
C GLU A 216 -32.40 4.34 10.97
N GLY A 217 -33.20 3.86 10.02
CA GLY A 217 -34.04 2.71 10.24
C GLY A 217 -33.67 1.57 9.32
N ARG A 218 -34.52 1.30 8.34
CA ARG A 218 -34.21 0.34 7.27
C ARG A 218 -33.72 1.02 6.01
N ASN A 219 -33.61 2.34 6.01
CA ASN A 219 -33.17 3.10 4.84
C ASN A 219 -32.16 4.15 5.26
N TYR A 220 -31.35 4.57 4.30
CA TYR A 220 -30.27 5.52 4.55
C TYR A 220 -30.76 6.94 4.34
N ILE A 221 -30.15 7.87 5.08
CA ILE A 221 -30.48 9.28 5.02
C ILE A 221 -29.18 10.07 4.88
N ILE A 222 -29.19 11.05 3.98
CA ILE A 222 -28.00 11.85 3.74
C ILE A 222 -27.70 12.70 4.97
N ASN A 223 -26.42 12.80 5.31
CA ASN A 223 -25.98 13.62 6.43
C ASN A 223 -26.33 15.09 6.17
N TYR A 224 -26.21 15.88 7.23
CA TYR A 224 -26.39 17.32 7.09
C TYR A 224 -25.27 17.90 6.23
N GLY A 225 -25.56 19.05 5.61
CA GLY A 225 -24.59 19.66 4.72
C GLY A 225 -23.28 20.01 5.41
N ASN A 226 -23.35 20.31 6.71
CA ASN A 226 -22.14 20.61 7.47
C ASN A 226 -21.15 19.45 7.41
N GLU A 227 -21.64 18.22 7.64
CA GLU A 227 -20.75 17.07 7.66
C GLU A 227 -20.14 16.80 6.29
N CYS A 228 -20.96 16.89 5.23
CA CYS A 228 -20.44 16.65 3.89
C CYS A 228 -19.38 17.68 3.51
N TYR A 229 -19.65 18.95 3.81
CA TYR A 229 -18.66 19.98 3.54
C TYR A 229 -17.39 19.74 4.33
N ASP A 230 -17.52 19.32 5.60
CA ASP A 230 -16.34 19.10 6.42
C ASP A 230 -15.49 17.97 5.87
N ILE A 231 -16.12 16.88 5.43
CA ILE A 231 -15.36 15.75 4.88
C ILE A 231 -14.65 16.16 3.59
N LEU A 232 -15.37 16.87 2.70
CA LEU A 232 -14.75 17.30 1.46
C LEU A 232 -13.59 18.26 1.72
N ALA A 233 -13.77 19.17 2.67
CA ALA A 233 -12.72 20.12 3.01
C ALA A 233 -11.51 19.43 3.62
N LEU A 234 -11.73 18.40 4.43
CA LEU A 234 -10.60 17.64 4.98
C LEU A 234 -9.83 16.93 3.90
N LEU A 235 -10.53 16.31 2.94
CA LEU A 235 -9.83 15.66 1.84
C LEU A 235 -9.05 16.66 1.00
N SER A 236 -9.64 17.82 0.73
CA SER A 236 -8.92 18.85 -0.04
C SER A 236 -7.73 19.39 0.75
N GLY A 237 -7.84 19.47 2.08
CA GLY A 237 -6.71 19.89 2.88
C GLY A 237 -5.57 18.88 2.83
N LEU A 238 -5.91 17.59 2.83
CA LEU A 238 -4.89 16.56 2.62
C LEU A 238 -4.22 16.72 1.27
N ALA A 239 -5.01 16.98 0.23
CA ALA A 239 -4.45 17.17 -1.11
C ALA A 239 -3.53 18.38 -1.15
N HIS A 240 -3.90 19.46 -0.47
CA HIS A 240 -3.03 20.63 -0.38
C HIS A 240 -1.74 20.30 0.36
N TRP A 241 -1.84 19.55 1.47
CA TRP A 241 -0.67 19.24 2.28
C TRP A 241 0.32 18.37 1.52
N VAL A 242 -0.18 17.50 0.64
CA VAL A 242 0.74 16.64 -0.13
C VAL A 242 1.68 17.48 -0.97
N VAL A 243 1.16 18.52 -1.62
CA VAL A 243 1.94 19.32 -2.56
C VAL A 243 2.53 20.57 -1.91
N ALA A 244 2.53 20.64 -0.57
CA ALA A 244 3.09 21.80 0.11
C ALA A 244 4.60 21.85 -0.08
N ASN A 245 5.10 23.02 -0.47
CA ASN A 245 6.52 23.20 -0.73
C ASN A 245 7.34 23.08 0.55
N SER A 250 1.08 28.93 1.72
CA SER A 250 -0.30 29.20 2.11
C SER A 250 -0.52 28.86 3.58
N ARG A 251 -1.79 28.79 3.98
CA ARG A 251 -2.12 28.43 5.35
C ARG A 251 -1.98 26.95 5.62
N ILE A 252 -1.79 26.13 4.59
CA ILE A 252 -1.53 24.70 4.74
C ILE A 252 -0.05 24.50 4.41
N SER A 253 0.72 24.11 5.42
CA SER A 253 2.16 23.95 5.30
C SER A 253 2.53 22.48 5.43
N ARG A 254 3.84 22.21 5.45
CA ARG A 254 4.33 20.85 5.64
C ARG A 254 3.94 20.28 7.00
N THR A 255 3.76 21.14 8.00
CA THR A 255 3.46 20.72 9.36
C THR A 255 1.97 20.72 9.66
N TRP A 256 1.12 20.79 8.63
CA TRP A 256 -0.32 20.87 8.84
C TRP A 256 -0.86 19.58 9.46
N LEU A 257 -0.38 18.42 9.01
CA LEU A 257 -0.94 17.16 9.47
C LEU A 257 -0.58 16.90 10.93
N TYR A 258 0.60 17.33 11.36
CA TYR A 258 1.09 17.03 12.70
C TYR A 258 0.63 18.04 13.74
N ASN A 259 -0.02 19.13 13.32
CA ASN A 259 -0.62 20.10 14.23
C ASN A 259 -2.06 20.30 13.78
N LEU A 260 -2.95 19.43 14.24
CA LEU A 260 -4.34 19.45 13.80
C LEU A 260 -5.29 20.06 14.83
N ASP A 261 -4.88 20.15 16.08
CA ASP A 261 -5.72 20.75 17.11
C ASP A 261 -5.63 22.28 17.13
N LYS A 262 -4.66 22.87 16.43
CA LYS A 262 -4.54 24.31 16.34
C LYS A 262 -4.77 24.84 14.93
N ASN A 263 -5.01 23.96 13.96
CA ASN A 263 -5.30 24.37 12.60
C ASN A 263 -6.73 24.08 12.17
N LEU A 264 -7.43 23.19 12.87
CA LEU A 264 -8.79 22.79 12.52
C LEU A 264 -9.79 23.38 13.50
N ASP A 265 -10.90 23.87 12.96
CA ASP A 265 -11.96 24.41 13.78
C ASP A 265 -12.71 23.27 14.48
N ASN A 266 -13.56 23.66 15.43
CA ASN A 266 -14.30 22.66 16.21
C ASN A 266 -15.26 21.85 15.36
N GLU A 267 -15.70 22.38 14.22
CA GLU A 267 -16.62 21.65 13.36
C GLU A 267 -16.00 20.36 12.86
N TYR A 268 -14.74 20.42 12.42
CA TYR A 268 -14.10 19.23 11.87
C TYR A 268 -13.87 18.17 12.95
N ILE A 269 -13.49 18.60 14.14
CA ILE A 269 -13.35 17.67 15.26
C ILE A 269 -14.70 17.02 15.57
N SER A 270 -15.77 17.81 15.53
CA SER A 270 -17.10 17.26 15.79
C SER A 270 -17.47 16.21 14.75
N THR A 271 -17.18 16.48 13.47
CA THR A 271 -17.51 15.52 12.42
C THR A 271 -16.72 14.22 12.59
N LEU A 272 -15.42 14.33 12.88
CA LEU A 272 -14.61 13.13 13.07
C LEU A 272 -15.09 12.33 14.27
N ASN A 273 -15.41 13.01 15.37
CA ASN A 273 -15.95 12.34 16.54
C ASN A 273 -17.26 11.65 16.21
N TYR A 274 -18.11 12.30 15.42
CA TYR A 274 -19.38 11.70 15.05
C TYR A 274 -19.18 10.40 14.28
N LEU A 275 -18.30 10.41 13.28
CA LEU A 275 -18.07 9.20 12.50
C LEU A 275 -17.49 8.07 13.36
N TYR A 276 -16.49 8.40 14.18
CA TYR A 276 -15.85 7.38 15.02
C TYR A 276 -16.85 6.79 16.02
N ASP A 277 -17.62 7.64 16.69
CA ASP A 277 -18.60 7.14 17.64
C ASP A 277 -19.68 6.33 16.93
N ARG A 278 -20.03 6.73 15.71
CA ARG A 278 -21.04 5.98 14.96
C ARG A 278 -20.58 4.55 14.73
N ILE A 279 -19.33 4.37 14.30
CA ILE A 279 -18.87 3.00 14.06
C ILE A 279 -18.73 2.23 15.37
N THR A 280 -18.26 2.88 16.44
CA THR A 280 -18.02 2.13 17.68
C THR A 280 -19.34 1.72 18.35
N ASN A 281 -20.35 2.58 18.29
CA ASN A 281 -21.57 2.34 19.07
C ASN A 281 -22.37 1.17 18.54
N GLU A 282 -22.42 1.00 17.21
CA GLU A 282 -23.15 -0.15 16.67
C GLU A 282 -22.48 -1.46 17.05
N LEU A 283 -21.15 -1.51 16.98
CA LEU A 283 -20.44 -2.71 17.40
C LEU A 283 -20.65 -3.00 18.88
N THR A 284 -20.66 -1.96 19.71
CA THR A 284 -20.86 -2.15 21.14
C THR A 284 -22.27 -2.63 21.45
N ASN A 285 -23.28 -2.05 20.81
CA ASN A 285 -24.68 -2.28 21.16
C ASN A 285 -25.28 -3.50 20.48
N SER A 286 -24.56 -4.16 19.57
CA SER A 286 -25.09 -5.30 18.86
C SER A 286 -24.30 -6.58 19.10
N PHE A 287 -23.43 -6.60 20.11
CA PHE A 287 -22.59 -7.77 20.34
C PHE A 287 -23.41 -8.92 20.92
N SER A 288 -24.27 -8.64 21.89
CA SER A 288 -24.98 -9.71 22.58
C SER A 288 -25.93 -10.46 21.64
N LYS A 289 -26.63 -9.73 20.77
CA LYS A 289 -27.57 -10.38 19.85
C LYS A 289 -26.88 -11.00 18.65
N ASN A 290 -25.65 -10.60 18.34
CA ASN A 290 -24.96 -11.10 17.15
C ASN A 290 -23.97 -12.20 17.46
N SER A 291 -23.37 -12.23 18.65
CA SER A 291 -22.38 -13.22 19.01
C SER A 291 -22.96 -14.37 19.82
N ALA A 292 -24.27 -14.57 19.78
CA ALA A 292 -24.89 -15.57 20.64
C ALA A 292 -24.57 -16.98 20.16
N ALA A 293 -24.68 -17.24 18.86
CA ALA A 293 -24.53 -18.60 18.35
C ALA A 293 -23.13 -19.14 18.58
N ASN A 294 -22.12 -18.37 18.18
CA ASN A 294 -20.73 -18.82 18.33
C ASN A 294 -20.38 -19.01 19.79
N VAL A 295 -20.75 -18.06 20.65
CA VAL A 295 -20.40 -18.16 22.06
C VAL A 295 -21.08 -19.36 22.70
N ASN A 296 -22.35 -19.57 22.39
CA ASN A 296 -23.07 -20.70 22.99
C ASN A 296 -22.50 -22.03 22.52
N TYR A 297 -22.20 -22.15 21.23
CA TYR A 297 -21.64 -23.41 20.73
C TYR A 297 -20.26 -23.67 21.29
N ILE A 298 -19.42 -22.63 21.40
CA ILE A 298 -18.10 -22.81 21.98
C ILE A 298 -18.21 -23.19 23.46
N ALA A 299 -19.16 -22.59 24.16
CA ALA A 299 -19.37 -22.96 25.56
C ALA A 299 -19.77 -24.41 25.70
N GLU A 300 -20.66 -24.89 24.81
CA GLU A 300 -21.03 -26.30 24.85
C GLU A 300 -19.85 -27.20 24.52
N THR A 301 -19.02 -26.80 23.55
CA THR A 301 -17.88 -27.62 23.15
C THR A 301 -16.84 -27.72 24.27
N LEU A 302 -16.43 -26.58 24.84
CA LEU A 302 -15.45 -26.60 25.92
C LEU A 302 -16.07 -27.09 27.22
N GLY A 303 -17.28 -26.63 27.54
CA GLY A 303 -17.96 -27.05 28.74
C GLY A 303 -17.88 -26.06 29.88
N ILE A 304 -18.06 -24.77 29.59
CA ILE A 304 -17.92 -23.71 30.58
C ILE A 304 -19.01 -22.66 30.36
N ASN A 305 -19.19 -21.82 31.36
CA ASN A 305 -20.17 -20.74 31.31
C ASN A 305 -19.69 -19.67 30.34
N PRO A 306 -20.55 -19.16 29.46
CA PRO A 306 -20.12 -18.11 28.51
C PRO A 306 -19.54 -16.87 29.19
N ALA A 307 -19.95 -16.57 30.42
CA ALA A 307 -19.43 -15.42 31.12
C ALA A 307 -17.94 -15.57 31.44
N GLU A 308 -17.38 -16.76 31.30
CA GLU A 308 -15.96 -16.96 31.58
C GLU A 308 -15.07 -16.59 30.40
N PHE A 309 -15.63 -16.42 29.20
CA PHE A 309 -14.81 -16.06 28.05
C PHE A 309 -15.50 -15.06 27.11
N ALA A 310 -16.59 -14.41 27.54
CA ALA A 310 -17.28 -13.46 26.66
C ALA A 310 -16.37 -12.30 26.26
N GLU A 311 -15.65 -11.71 27.22
CA GLU A 311 -14.77 -10.58 26.91
C GLU A 311 -13.63 -11.00 26.01
N GLN A 312 -13.07 -12.19 26.24
CA GLN A 312 -11.98 -12.67 25.40
C GLN A 312 -12.45 -12.92 23.97
N TYR A 313 -13.68 -13.44 23.82
CA TYR A 313 -14.23 -13.58 22.48
C TYR A 313 -14.48 -12.23 21.82
N PHE A 314 -14.91 -11.25 22.61
CA PHE A 314 -15.06 -9.90 22.09
C PHE A 314 -13.74 -9.40 21.52
N ARG A 315 -12.66 -9.55 22.29
CA ARG A 315 -11.35 -9.08 21.84
C ARG A 315 -10.84 -9.86 20.66
N PHE A 316 -11.20 -11.15 20.55
CA PHE A 316 -10.77 -11.94 19.40
C PHE A 316 -11.51 -11.54 18.13
N SER A 317 -12.83 -11.36 18.23
CA SER A 317 -13.65 -11.15 17.03
C SER A 317 -13.68 -9.71 16.58
N ILE A 318 -13.99 -8.78 17.48
CA ILE A 318 -14.22 -7.39 17.08
C ILE A 318 -12.91 -6.60 17.08
N MET A 319 -12.13 -6.69 18.15
CA MET A 319 -10.89 -5.93 18.22
C MET A 319 -9.73 -6.62 17.52
N LYS A 320 -9.85 -7.92 17.27
CA LYS A 320 -8.86 -8.70 16.50
C LYS A 320 -7.47 -8.59 17.12
N GLU A 321 -7.36 -9.11 18.34
CA GLU A 321 -6.12 -9.09 19.10
C GLU A 321 -5.26 -10.32 18.86
N GLN A 322 -5.69 -11.23 17.98
CA GLN A 322 -4.90 -12.41 17.66
C GLN A 322 -3.84 -12.12 16.61
N LYS A 323 -3.77 -10.90 16.10
CA LYS A 323 -2.82 -10.55 15.05
C LYS A 323 -1.56 -9.90 15.59
N ASN A 324 -1.64 -9.23 16.73
CA ASN A 324 -0.44 -8.71 17.41
C ASN A 324 -0.01 -9.75 18.45
N LEU A 325 0.41 -10.90 17.96
CA LEU A 325 0.63 -12.06 18.79
C LEU A 325 1.98 -12.73 18.56
N GLY A 326 2.65 -12.47 17.44
CA GLY A 326 3.95 -13.03 17.15
C GLY A 326 3.95 -14.13 16.10
N PHE A 327 2.80 -14.67 15.74
CA PHE A 327 2.70 -15.71 14.72
C PHE A 327 1.28 -15.70 14.17
N ASN A 328 1.01 -16.66 13.29
CA ASN A 328 -0.24 -16.71 12.54
C ASN A 328 -1.02 -17.95 12.94
N ILE A 329 -2.25 -17.76 13.41
CA ILE A 329 -3.11 -18.88 13.76
C ILE A 329 -3.57 -19.61 12.50
N THR A 330 -3.73 -18.89 11.39
CA THR A 330 -4.30 -19.47 10.18
C THR A 330 -3.45 -20.60 9.64
N LYS A 331 -2.12 -20.48 9.70
CA LYS A 331 -1.26 -21.55 9.20
C LYS A 331 -1.41 -22.81 10.03
N LEU A 332 -1.48 -22.67 11.35
CA LEU A 332 -1.73 -23.83 12.21
C LEU A 332 -3.07 -24.45 11.89
N ARG A 333 -4.09 -23.63 11.66
CA ARG A 333 -5.41 -24.14 11.31
C ARG A 333 -5.38 -24.92 10.00
N GLU A 334 -4.66 -24.41 9.00
CA GLU A 334 -4.57 -25.11 7.73
C GLU A 334 -3.84 -26.43 7.87
N VAL A 335 -2.74 -26.44 8.64
CA VAL A 335 -2.02 -27.69 8.86
C VAL A 335 -2.92 -28.71 9.56
N MET A 336 -3.74 -28.24 10.50
CA MET A 336 -4.70 -29.12 11.15
C MET A 336 -5.72 -29.65 10.15
N LEU A 337 -6.19 -28.80 9.24
CA LEU A 337 -7.16 -29.22 8.23
C LEU A 337 -6.57 -30.18 7.21
N ASP A 338 -5.25 -30.21 7.06
CA ASP A 338 -4.64 -31.11 6.08
C ASP A 338 -4.74 -32.58 6.45
N ARG A 339 -5.12 -32.90 7.68
CA ARG A 339 -5.17 -34.30 8.10
C ARG A 339 -6.32 -35.03 7.42
N LYS A 340 -6.26 -36.37 7.49
CA LYS A 340 -7.32 -37.19 6.92
C LYS A 340 -8.58 -37.17 7.78
N ASP A 341 -8.43 -36.97 9.10
CA ASP A 341 -9.58 -36.94 9.99
C ASP A 341 -10.49 -35.75 9.72
N MET A 342 -9.95 -34.64 9.24
CA MET A 342 -10.72 -33.42 9.02
C MET A 342 -10.63 -32.94 7.58
N SER A 343 -10.44 -33.87 6.63
CA SER A 343 -10.35 -33.50 5.23
C SER A 343 -11.70 -33.16 4.62
N GLU A 344 -12.77 -33.75 5.15
CA GLU A 344 -14.11 -33.57 4.56
C GLU A 344 -14.60 -32.14 4.65
N ILE A 345 -13.95 -31.29 5.46
CA ILE A 345 -14.33 -29.88 5.49
C ILE A 345 -14.04 -29.22 4.15
N ARG A 346 -13.05 -29.74 3.40
CA ARG A 346 -12.74 -29.21 2.09
C ARG A 346 -13.45 -29.94 0.96
N LYS A 347 -13.55 -31.26 1.05
CA LYS A 347 -14.12 -32.03 -0.05
C LYS A 347 -15.64 -31.90 -0.11
N ASN A 348 -16.30 -31.99 1.04
CA ASN A 348 -17.77 -31.98 1.10
C ASN A 348 -18.26 -30.55 0.96
N HIS A 349 -18.54 -30.16 -0.29
CA HIS A 349 -18.98 -28.79 -0.54
C HIS A 349 -20.40 -28.57 -0.02
N LYS A 350 -21.32 -29.48 -0.34
CA LYS A 350 -22.75 -29.28 -0.11
C LYS A 350 -23.11 -29.17 1.37
N VAL A 351 -22.23 -29.57 2.27
CA VAL A 351 -22.52 -29.48 3.69
C VAL A 351 -21.79 -28.32 4.37
N PHE A 352 -20.67 -27.85 3.81
CA PHE A 352 -19.80 -26.90 4.49
C PHE A 352 -19.66 -25.55 3.79
N ASP A 353 -20.17 -25.39 2.57
CA ASP A 353 -19.98 -24.11 1.88
C ASP A 353 -20.70 -22.95 2.56
N SER A 354 -21.62 -23.21 3.49
CA SER A 354 -22.33 -22.16 4.18
C SER A 354 -21.92 -22.01 5.64
N ILE A 355 -21.02 -22.85 6.14
CA ILE A 355 -20.62 -22.80 7.54
C ILE A 355 -19.10 -22.84 7.67
N ARG A 356 -18.41 -22.75 6.53
CA ARG A 356 -16.95 -22.78 6.52
C ARG A 356 -16.37 -21.67 7.39
N THR A 357 -16.88 -20.45 7.24
CA THR A 357 -16.31 -19.33 7.98
C THR A 357 -16.58 -19.46 9.47
N LYS A 358 -17.78 -19.95 9.84
CA LYS A 358 -18.08 -20.18 11.25
C LYS A 358 -17.13 -21.20 11.86
N VAL A 359 -16.90 -22.31 11.15
CA VAL A 359 -16.00 -23.34 11.67
C VAL A 359 -14.59 -22.78 11.81
N TYR A 360 -14.14 -22.00 10.82
CA TYR A 360 -12.80 -21.43 10.87
C TYR A 360 -12.64 -20.50 12.06
N THR A 361 -13.65 -19.64 12.29
CA THR A 361 -13.59 -18.72 13.43
C THR A 361 -13.54 -19.49 14.75
N MET A 362 -14.36 -20.52 14.89
CA MET A 362 -14.36 -21.29 16.13
C MET A 362 -13.01 -21.95 16.38
N MET A 363 -12.42 -22.57 15.35
CA MET A 363 -11.15 -23.23 15.51
C MET A 363 -10.05 -22.24 15.88
N ASP A 364 -10.04 -21.08 15.21
CA ASP A 364 -9.04 -20.06 15.53
C ASP A 364 -9.20 -19.57 16.96
N PHE A 365 -10.43 -19.38 17.42
CA PHE A 365 -10.61 -18.94 18.79
C PHE A 365 -10.11 -19.98 19.78
N VAL A 366 -10.35 -21.26 19.49
CA VAL A 366 -9.88 -22.30 20.41
C VAL A 366 -8.35 -22.27 20.50
N ILE A 367 -7.67 -22.16 19.36
CA ILE A 367 -6.20 -22.12 19.38
C ILE A 367 -5.72 -20.91 20.16
N TYR A 368 -6.29 -19.74 19.89
CA TYR A 368 -5.88 -18.50 20.54
C TYR A 368 -6.11 -18.56 22.04
N ARG A 369 -7.26 -19.11 22.46
CA ARG A 369 -7.53 -19.26 23.88
C ARG A 369 -6.54 -20.20 24.54
N TYR A 370 -6.20 -21.31 23.87
CA TYR A 370 -5.21 -22.22 24.42
C TYR A 370 -3.90 -21.50 24.71
N TYR A 371 -3.39 -20.77 23.72
CA TYR A 371 -2.11 -20.07 23.93
C TYR A 371 -2.22 -19.02 25.02
N ILE A 372 -3.30 -18.23 25.02
CA ILE A 372 -3.45 -17.16 26.00
C ILE A 372 -3.53 -17.72 27.42
N GLU A 373 -4.32 -18.78 27.60
CA GLU A 373 -4.47 -19.37 28.93
C GLU A 373 -3.16 -19.98 29.42
N GLU A 374 -2.44 -20.68 28.55
CA GLU A 374 -1.16 -21.26 28.97
C GLU A 374 -0.18 -20.17 29.37
N ASP A 375 -0.10 -19.09 28.58
CA ASP A 375 0.80 -18.00 28.93
C ASP A 375 0.41 -17.35 30.25
N ALA A 376 -0.89 -17.15 30.47
CA ALA A 376 -1.34 -16.54 31.71
C ALA A 376 -1.02 -17.42 32.91
N LYS A 377 -1.20 -18.73 32.77
CA LYS A 377 -0.87 -19.64 33.86
C LYS A 377 0.61 -19.61 34.17
N VAL A 378 1.46 -19.61 33.14
CA VAL A 378 2.91 -19.57 33.37
C VAL A 378 3.32 -18.26 34.03
N ALA A 379 2.75 -17.15 33.57
CA ALA A 379 3.08 -15.85 34.16
C ALA A 379 2.63 -15.79 35.62
N ALA A 380 1.45 -16.33 35.93
CA ALA A 380 1.00 -16.36 37.31
C ALA A 380 1.90 -17.22 38.18
N ALA A 381 2.37 -18.35 37.64
CA ALA A 381 3.27 -19.20 38.41
C ALA A 381 4.64 -18.54 38.62
N ASN A 382 5.07 -17.70 37.68
CA ASN A 382 6.38 -17.06 37.77
C ASN A 382 6.30 -15.76 38.57
N LYS A 383 5.74 -15.87 39.77
CA LYS A 383 5.67 -14.72 40.68
C LYS A 383 6.24 -15.02 42.06
N SER A 384 6.37 -16.28 42.44
CA SER A 384 7.00 -16.65 43.71
C SER A 384 8.37 -17.28 43.55
N LEU A 385 8.74 -17.75 42.35
CA LEU A 385 10.06 -18.30 42.11
C LEU A 385 11.09 -17.19 42.09
N PRO A 386 12.36 -17.51 42.35
CA PRO A 386 13.41 -16.48 42.29
C PRO A 386 13.54 -15.90 40.90
N ASP A 387 14.04 -14.65 40.85
CA ASP A 387 14.17 -13.90 39.61
C ASP A 387 15.21 -14.48 38.66
N ASN A 388 15.82 -15.62 38.97
CA ASN A 388 16.80 -16.26 38.11
C ASN A 388 16.22 -17.47 37.39
N GLU A 389 15.62 -18.40 38.13
CA GLU A 389 15.06 -19.62 37.54
C GLU A 389 13.58 -19.40 37.26
N LYS A 390 13.27 -18.96 36.05
CA LYS A 390 11.91 -18.74 35.60
C LYS A 390 11.71 -19.41 34.25
N SER A 391 10.53 -19.96 34.03
CA SER A 391 10.23 -20.70 32.82
C SER A 391 9.46 -19.83 31.82
N LEU A 392 9.65 -20.13 30.54
CA LEU A 392 8.99 -19.42 29.46
C LEU A 392 7.67 -20.10 29.09
N SER A 393 6.84 -19.37 28.37
CA SER A 393 5.59 -19.91 27.85
C SER A 393 5.78 -20.49 26.46
N GLU A 394 4.73 -21.14 25.96
CA GLU A 394 4.80 -21.76 24.63
C GLU A 394 4.85 -20.69 23.55
N LYS A 395 4.13 -19.59 23.74
CA LYS A 395 4.26 -18.44 22.86
C LYS A 395 5.71 -18.01 22.72
N ASP A 396 6.40 -17.84 23.85
CA ASP A 396 7.77 -17.35 23.84
C ASP A 396 8.69 -18.31 23.11
N ILE A 397 8.55 -19.62 23.37
CA ILE A 397 9.42 -20.60 22.72
C ILE A 397 9.15 -20.62 21.22
N PHE A 398 7.89 -20.56 20.82
CA PHE A 398 7.58 -20.56 19.39
C PHE A 398 8.14 -19.33 18.71
N VAL A 399 8.02 -18.14 19.33
CA VAL A 399 8.55 -16.93 18.72
C VAL A 399 10.07 -16.98 18.65
N ILE A 400 10.71 -17.51 19.70
CA ILE A 400 12.16 -17.64 19.71
C ILE A 400 12.63 -18.52 18.57
N ASN A 401 11.94 -19.65 18.36
CA ASN A 401 12.31 -20.54 17.26
C ASN A 401 12.04 -19.90 15.90
N LEU A 402 10.94 -19.14 15.79
CA LEU A 402 10.60 -18.52 14.51
C LEU A 402 11.61 -17.44 14.12
N ARG A 403 12.07 -16.66 15.10
CA ARG A 403 12.99 -15.56 14.79
C ARG A 403 14.29 -16.08 14.21
N GLY A 404 14.75 -17.24 14.65
CA GLY A 404 16.00 -17.79 14.16
C GLY A 404 15.86 -18.81 13.05
N SER A 405 14.89 -18.60 12.15
CA SER A 405 14.68 -19.47 11.01
C SER A 405 15.26 -18.78 9.78
N PHE A 406 16.39 -19.31 9.29
CA PHE A 406 17.16 -18.62 8.26
C PHE A 406 16.48 -18.59 6.90
N ASN A 407 15.41 -19.36 6.70
CA ASN A 407 14.74 -19.41 5.41
C ASN A 407 13.29 -19.84 5.61
N ASP A 408 12.61 -20.18 4.52
CA ASP A 408 11.19 -20.49 4.57
C ASP A 408 10.89 -21.98 4.72
N ASP A 409 11.75 -22.85 4.20
CA ASP A 409 11.55 -24.28 4.39
C ASP A 409 11.85 -24.71 5.82
N GLN A 410 12.43 -23.84 6.64
CA GLN A 410 12.54 -24.09 8.07
C GLN A 410 11.37 -23.51 8.85
N LYS A 411 10.81 -22.39 8.39
CA LYS A 411 9.67 -21.80 9.08
C LYS A 411 8.42 -22.67 8.97
N ASP A 412 8.19 -23.26 7.78
CA ASP A 412 7.00 -24.07 7.59
C ASP A 412 7.08 -25.38 8.38
N ALA A 413 8.26 -25.95 8.51
CA ALA A 413 8.43 -27.15 9.32
C ALA A 413 8.10 -26.87 10.78
N LEU A 414 8.44 -25.68 11.27
CA LEU A 414 8.08 -25.31 12.64
C LEU A 414 6.58 -25.27 12.83
N TYR A 415 5.86 -24.67 11.88
CA TYR A 415 4.40 -24.63 11.95
C TYR A 415 3.81 -26.04 11.93
N TYR A 416 4.32 -26.89 11.03
CA TYR A 416 3.84 -28.26 10.95
C TYR A 416 4.05 -28.99 12.27
N ASP A 417 5.25 -28.89 12.82
CA ASP A 417 5.57 -29.61 14.05
C ASP A 417 4.73 -29.11 15.22
N GLU A 418 4.55 -27.80 15.35
CA GLU A 418 3.81 -27.31 16.51
C GLU A 418 2.32 -27.56 16.35
N ALA A 419 1.79 -27.50 15.13
CA ALA A 419 0.39 -27.86 14.94
C ALA A 419 0.16 -29.32 15.31
N ASN A 420 1.06 -30.21 14.90
CA ASN A 420 0.94 -31.61 15.29
C ASN A 420 1.10 -31.80 16.79
N ARG A 421 1.91 -30.96 17.43
CA ARG A 421 2.11 -31.10 18.88
C ARG A 421 0.88 -30.66 19.66
N ILE A 422 0.29 -29.52 19.28
CA ILE A 422 -0.87 -29.01 20.01
C ILE A 422 -2.19 -29.60 19.54
N TRP A 423 -2.17 -30.42 18.49
CA TRP A 423 -3.39 -31.14 18.12
C TRP A 423 -3.77 -32.18 19.17
N ARG A 424 -2.80 -32.74 19.88
CA ARG A 424 -3.09 -33.81 20.83
C ARG A 424 -3.98 -33.35 21.97
N LYS A 425 -3.89 -32.07 22.33
CA LYS A 425 -4.68 -31.54 23.44
C LYS A 425 -6.01 -30.94 23.01
N LEU A 426 -6.27 -30.88 21.70
CA LEU A 426 -7.50 -30.24 21.20
C LEU A 426 -8.24 -31.14 20.22
N GLU A 427 -8.01 -32.45 20.25
CA GLU A 427 -8.66 -33.34 19.29
C GLU A 427 -10.18 -33.35 19.48
N ASN A 428 -10.63 -33.44 20.73
CA ASN A 428 -12.07 -33.50 20.99
C ASN A 428 -12.75 -32.20 20.62
N ILE A 429 -12.11 -31.06 20.90
CA ILE A 429 -12.72 -29.76 20.61
C ILE A 429 -12.95 -29.62 19.11
N MET A 430 -11.93 -29.93 18.30
CA MET A 430 -12.08 -29.82 16.85
C MET A 430 -13.06 -30.84 16.30
N HIS A 431 -13.05 -32.06 16.86
CA HIS A 431 -14.00 -33.06 16.40
C HIS A 431 -15.44 -32.67 16.70
N ASN A 432 -15.65 -31.95 17.80
CA ASN A 432 -17.00 -31.45 18.09
C ASN A 432 -17.35 -30.26 17.19
N ILE A 433 -16.37 -29.41 16.89
CA ILE A 433 -16.63 -28.28 16.00
C ILE A 433 -17.01 -28.77 14.61
N LYS A 434 -16.37 -29.84 14.15
CA LYS A 434 -16.67 -30.38 12.83
C LYS A 434 -18.10 -30.89 12.71
N GLU A 435 -18.78 -31.13 13.83
CA GLU A 435 -20.15 -31.63 13.85
C GLU A 435 -21.18 -30.51 13.87
N PHE A 436 -20.84 -29.34 13.35
CA PHE A 436 -21.74 -28.19 13.35
C PHE A 436 -22.46 -28.09 12.01
N ARG A 437 -23.76 -27.82 12.05
CA ARG A 437 -24.57 -27.72 10.85
C ARG A 437 -25.44 -26.47 10.92
N GLY A 438 -25.75 -25.91 9.76
CA GLY A 438 -26.50 -24.67 9.72
C GLY A 438 -27.91 -24.82 10.25
N ASN A 439 -28.53 -25.98 10.01
CA ASN A 439 -29.92 -26.21 10.42
C ASN A 439 -30.12 -25.88 11.90
N LYS A 440 -29.22 -26.35 12.75
CA LYS A 440 -29.28 -26.06 14.18
C LYS A 440 -28.49 -24.81 14.54
N THR A 441 -28.74 -23.71 13.82
CA THR A 441 -28.17 -22.42 14.16
C THR A 441 -29.11 -21.56 14.99
N ARG A 442 -30.41 -21.62 14.70
CA ARG A 442 -31.39 -20.88 15.49
C ARG A 442 -31.59 -21.46 16.88
N GLU A 443 -31.11 -22.69 17.12
CA GLU A 443 -31.19 -23.27 18.45
C GLU A 443 -30.21 -22.58 19.40
N TYR A 444 -29.05 -22.19 18.89
CA TYR A 444 -28.01 -21.57 19.71
C TYR A 444 -28.14 -20.06 19.80
N LYS A 445 -29.21 -19.48 19.26
CA LYS A 445 -29.48 -18.07 19.37
C LYS A 445 -30.61 -17.75 20.34
N LYS A 446 -31.17 -18.76 21.01
CA LYS A 446 -32.28 -18.52 21.92
C LYS A 446 -31.85 -17.66 23.11
N LYS A 447 -30.69 -17.94 23.69
CA LYS A 447 -30.16 -17.18 24.81
C LYS A 447 -29.03 -16.28 24.32
N ASP A 448 -29.08 -15.01 24.69
CA ASP A 448 -28.14 -14.04 24.17
C ASP A 448 -26.84 -14.04 24.98
N ALA A 449 -25.79 -13.48 24.38
CA ALA A 449 -24.49 -13.44 25.02
C ALA A 449 -24.51 -12.48 26.21
N PRO A 450 -23.65 -12.70 27.20
CA PRO A 450 -23.64 -11.84 28.38
C PRO A 450 -23.31 -10.39 28.03
N ARG A 451 -23.94 -9.48 28.75
CA ARG A 451 -23.63 -8.06 28.59
C ARG A 451 -22.26 -7.76 29.17
N LEU A 452 -21.59 -6.78 28.58
CA LEU A 452 -20.23 -6.43 28.93
C LEU A 452 -20.12 -4.94 29.19
N PRO A 453 -19.14 -4.51 29.97
CA PRO A 453 -18.83 -3.08 30.04
C PRO A 453 -18.19 -2.61 28.75
N ARG A 454 -18.13 -1.29 28.57
CA ARG A 454 -17.58 -0.74 27.35
C ARG A 454 -16.09 -1.01 27.27
N ILE A 455 -15.64 -1.50 26.11
CA ILE A 455 -14.25 -1.80 25.85
C ILE A 455 -13.66 -0.89 24.78
N LEU A 456 -14.43 -0.60 23.75
CA LEU A 456 -13.95 0.24 22.66
C LEU A 456 -13.81 1.68 23.13
N PRO A 457 -12.78 2.40 22.67
CA PRO A 457 -12.61 3.78 23.10
C PRO A 457 -13.57 4.72 22.40
N ALA A 458 -13.72 5.91 22.97
CA ALA A 458 -14.61 6.92 22.43
C ALA A 458 -13.87 7.82 21.43
N GLY A 459 -14.62 8.71 20.79
CA GLY A 459 -14.02 9.60 19.81
C GLY A 459 -13.06 10.60 20.42
N ARG A 460 -13.39 11.12 21.61
CA ARG A 460 -12.55 12.15 22.22
C ARG A 460 -11.18 11.61 22.58
N ASP A 461 -11.11 10.36 23.03
CA ASP A 461 -9.83 9.80 23.46
C ASP A 461 -8.85 9.66 22.31
N VAL A 462 -9.34 9.26 21.13
CA VAL A 462 -8.47 9.06 19.98
C VAL A 462 -7.99 10.41 19.47
N SER A 463 -6.83 10.39 18.81
CA SER A 463 -6.23 11.60 18.27
C SER A 463 -6.88 11.98 16.94
N ALA A 464 -6.70 13.25 16.57
CA ALA A 464 -7.30 13.75 15.33
C ALA A 464 -6.65 13.13 14.11
N PHE A 465 -5.36 12.80 14.18
CA PHE A 465 -4.68 12.19 13.05
C PHE A 465 -5.30 10.83 12.72
N SER A 466 -5.56 10.01 13.75
CA SER A 466 -6.15 8.69 13.51
C SER A 466 -7.56 8.81 12.97
N LYS A 467 -8.35 9.74 13.50
CA LYS A 467 -9.71 9.94 13.00
C LYS A 467 -9.70 10.43 11.55
N LEU A 468 -8.71 11.26 11.19
CA LEU A 468 -8.61 11.70 9.81
C LEU A 468 -8.19 10.56 8.89
N MET A 469 -7.33 9.66 9.36
CA MET A 469 -7.01 8.47 8.57
C MET A 469 -8.25 7.60 8.38
N TYR A 470 -9.07 7.45 9.43
CA TYR A 470 -10.30 6.69 9.30
C TYR A 470 -11.25 7.34 8.30
N ALA A 471 -11.32 8.67 8.30
CA ALA A 471 -12.12 9.37 7.30
C ALA A 471 -11.59 9.14 5.89
N LEU A 472 -10.26 9.14 5.74
CA LEU A 472 -9.67 8.91 4.42
C LEU A 472 -9.97 7.50 3.93
N THR A 473 -10.02 6.52 4.84
CA THR A 473 -10.31 5.15 4.44
C THR A 473 -11.68 5.00 3.79
N MET A 474 -12.58 5.96 3.99
CA MET A 474 -13.92 5.89 3.43
C MET A 474 -13.97 6.22 1.95
N PHE A 475 -12.83 6.54 1.33
CA PHE A 475 -12.75 6.79 -0.10
C PHE A 475 -11.93 5.74 -0.83
N LEU A 476 -11.59 4.64 -0.16
CA LEU A 476 -10.69 3.64 -0.71
C LEU A 476 -11.34 2.26 -0.66
N ASP A 477 -10.58 1.22 -1.00
CA ASP A 477 -11.07 -0.16 -0.96
C ASP A 477 -10.19 -0.98 -0.03
N GLY A 478 -10.50 -2.28 0.06
CA GLY A 478 -9.95 -3.10 1.13
C GLY A 478 -8.44 -3.28 1.05
N LYS A 479 -7.93 -3.57 -0.15
CA LYS A 479 -6.50 -3.85 -0.30
C LYS A 479 -5.67 -2.60 0.00
N GLU A 480 -6.09 -1.45 -0.54
CA GLU A 480 -5.33 -0.22 -0.32
C GLU A 480 -5.33 0.17 1.16
N ILE A 481 -6.47 -0.02 1.83
CA ILE A 481 -6.55 0.27 3.25
C ILE A 481 -5.55 -0.59 4.02
N ASN A 482 -5.51 -1.89 3.69
CA ASN A 482 -4.59 -2.79 4.36
C ASN A 482 -3.15 -2.34 4.17
N ASP A 483 -2.76 -2.08 2.92
CA ASP A 483 -1.37 -1.67 2.65
C ASP A 483 -1.01 -0.40 3.42
N LEU A 484 -1.86 0.63 3.29
CA LEU A 484 -1.57 1.91 3.92
C LEU A 484 -1.45 1.78 5.43
N LEU A 485 -2.43 1.16 6.07
CA LEU A 485 -2.45 1.11 7.52
C LEU A 485 -1.35 0.22 8.07
N THR A 486 -1.04 -0.88 7.38
CA THR A 486 0.05 -1.75 7.83
C THR A 486 1.39 -1.03 7.77
N THR A 487 1.65 -0.32 6.67
CA THR A 487 2.89 0.43 6.57
C THR A 487 2.98 1.50 7.66
N LEU A 488 1.88 2.20 7.91
CA LEU A 488 1.88 3.23 8.94
C LEU A 488 2.17 2.64 10.32
N ILE A 489 1.55 1.51 10.63
CA ILE A 489 1.77 0.85 11.93
C ILE A 489 3.24 0.47 12.09
N ASN A 490 3.82 -0.14 11.05
CA ASN A 490 5.22 -0.55 11.13
C ASN A 490 6.13 0.65 11.37
N LYS A 491 5.92 1.73 10.62
CA LYS A 491 6.79 2.89 10.74
C LYS A 491 6.68 3.53 12.12
N PHE A 492 5.47 3.64 12.66
CA PHE A 492 5.30 4.23 13.98
C PHE A 492 5.94 3.35 15.06
N ASP A 493 5.82 2.02 14.94
CA ASP A 493 6.49 1.14 15.89
C ASP A 493 8.00 1.31 15.84
N ASN A 494 8.57 1.42 14.63
CA ASN A 494 10.01 1.65 14.52
C ASN A 494 10.41 2.95 15.20
N ILE A 495 9.64 4.01 14.99
CA ILE A 495 9.97 5.31 15.57
C ILE A 495 9.96 5.23 17.09
N GLN A 496 8.92 4.60 17.67
CA GLN A 496 8.83 4.54 19.13
C GLN A 496 9.97 3.71 19.70
N SER A 497 10.33 2.61 19.05
CA SER A 497 11.45 1.81 19.53
C SER A 497 12.74 2.61 19.53
N PHE A 498 13.00 3.35 18.45
CA PHE A 498 14.22 4.15 18.39
C PHE A 498 14.20 5.25 19.46
N LEU A 499 13.04 5.87 19.69
CA LEU A 499 12.97 6.94 20.68
C LEU A 499 13.25 6.41 22.08
N LYS A 500 12.76 5.20 22.39
CA LYS A 500 13.09 4.63 23.69
C LYS A 500 14.58 4.25 23.78
N VAL A 501 15.17 3.81 22.67
CA VAL A 501 16.57 3.40 22.69
C VAL A 501 17.48 4.62 22.89
N MET A 502 17.12 5.76 22.31
CA MET A 502 18.06 6.89 22.28
C MET A 502 18.54 7.33 23.67
N PRO A 503 17.69 7.50 24.70
CA PRO A 503 18.23 7.92 26.01
C PRO A 503 19.37 7.06 26.53
N LEU A 504 19.33 5.75 26.30
CA LEU A 504 20.31 4.85 26.92
C LEU A 504 21.70 5.04 26.35
N ILE A 505 21.82 5.31 25.05
CA ILE A 505 23.12 5.35 24.40
C ILE A 505 23.71 6.76 24.42
N GLY A 506 23.12 7.64 25.24
CA GLY A 506 23.69 8.94 25.45
C GLY A 506 23.37 10.00 24.43
N VAL A 507 22.27 9.85 23.69
CA VAL A 507 21.84 10.86 22.71
C VAL A 507 20.66 11.59 23.32
N ASN A 508 20.81 12.90 23.50
CA ASN A 508 19.81 13.74 24.16
C ASN A 508 19.06 14.61 23.17
N ALA A 509 18.89 14.13 21.93
CA ALA A 509 18.14 14.88 20.93
C ALA A 509 16.66 14.85 21.25
N LYS A 510 15.98 15.97 20.99
CA LYS A 510 14.54 16.08 21.20
C LYS A 510 13.90 16.73 19.99
N PHE A 511 12.67 16.35 19.70
CA PHE A 511 11.95 16.89 18.56
C PHE A 511 11.70 18.38 18.75
N VAL A 512 11.79 19.14 17.65
CA VAL A 512 11.38 20.53 17.70
C VAL A 512 9.86 20.60 17.85
N GLU A 513 9.37 21.78 18.25
CA GLU A 513 7.97 21.93 18.63
C GLU A 513 7.04 21.53 17.49
N GLU A 514 7.32 22.02 16.28
CA GLU A 514 6.46 21.75 15.14
C GLU A 514 6.32 20.26 14.86
N TYR A 515 7.33 19.48 15.23
CA TYR A 515 7.30 18.03 15.05
C TYR A 515 7.26 17.29 16.38
N ALA A 516 6.63 17.87 17.40
CA ALA A 516 6.46 17.16 18.67
C ALA A 516 5.42 16.06 18.58
N PHE A 517 4.65 16.01 17.49
CA PHE A 517 3.62 14.99 17.32
C PHE A 517 4.18 13.58 17.37
N PHE A 518 5.45 13.39 17.04
CA PHE A 518 6.06 12.07 17.05
C PHE A 518 6.53 11.63 18.42
N LYS A 519 6.34 12.46 19.45
CA LYS A 519 6.71 12.05 20.80
C LYS A 519 5.76 10.99 21.36
N ASP A 520 4.62 10.78 20.72
CA ASP A 520 3.59 9.84 21.17
C ASP A 520 3.27 8.85 20.05
N SER A 521 4.31 8.26 19.46
CA SER A 521 4.13 7.37 18.33
C SER A 521 3.62 5.98 18.72
N ALA A 522 3.65 5.63 20.02
CA ALA A 522 3.16 4.32 20.44
C ALA A 522 1.64 4.25 20.44
N LYS A 523 0.97 5.30 20.90
CA LYS A 523 -0.49 5.28 20.94
C LYS A 523 -1.09 5.31 19.54
N ILE A 524 -0.42 6.01 18.61
CA ILE A 524 -0.91 6.10 17.24
C ILE A 524 -0.99 4.71 16.61
N ALA A 525 0.00 3.86 16.90
CA ALA A 525 0.02 2.52 16.35
C ALA A 525 -1.20 1.70 16.82
N ASP A 526 -1.51 1.78 18.11
CA ASP A 526 -2.66 1.05 18.64
C ASP A 526 -3.96 1.56 18.05
N GLU A 527 -4.10 2.90 17.95
CA GLU A 527 -5.30 3.46 17.34
C GLU A 527 -5.44 3.00 15.90
N LEU A 528 -4.32 2.95 15.17
CA LEU A 528 -4.38 2.50 13.79
C LEU A 528 -4.70 1.02 13.68
N ARG A 529 -4.31 0.22 14.67
CA ARG A 529 -4.71 -1.19 14.67
C ARG A 529 -6.22 -1.33 14.83
N LEU A 530 -6.79 -0.57 15.76
CA LEU A 530 -8.25 -0.57 15.88
C LEU A 530 -8.92 -0.08 14.59
N ILE A 531 -8.36 0.95 13.96
CA ILE A 531 -8.96 1.48 12.75
C ILE A 531 -8.86 0.47 11.61
N LYS A 532 -7.77 -0.28 11.54
CA LYS A 532 -7.65 -1.33 10.53
C LYS A 532 -8.70 -2.40 10.75
N SER A 533 -8.97 -2.74 12.02
CA SER A 533 -10.05 -3.68 12.29
C SER A 533 -11.41 -3.09 11.87
N PHE A 534 -11.61 -1.80 12.10
CA PHE A 534 -12.91 -1.16 11.90
C PHE A 534 -13.23 -0.91 10.43
N ALA A 535 -12.23 -0.56 9.62
CA ALA A 535 -12.47 0.05 8.30
C ALA A 535 -13.20 -0.87 7.34
N ARG A 536 -13.16 -2.18 7.55
CA ARG A 536 -13.77 -3.12 6.63
C ARG A 536 -15.18 -3.52 7.04
N MET A 537 -15.72 -2.91 8.08
CA MET A 537 -17.07 -3.18 8.56
C MET A 537 -17.99 -2.05 8.11
N GLY A 538 -19.13 -2.40 7.53
CA GLY A 538 -20.10 -1.40 7.12
C GLY A 538 -20.49 -1.51 5.66
N GLU A 539 -21.74 -1.14 5.37
CA GLU A 539 -22.25 -1.20 4.00
C GLU A 539 -21.70 -0.02 3.20
N PRO A 540 -21.08 -0.25 2.04
CA PRO A 540 -20.47 0.84 1.27
C PRO A 540 -21.32 1.42 0.15
N ILE A 541 -22.59 1.07 0.02
CA ILE A 541 -23.38 1.42 -1.17
C ILE A 541 -24.56 2.34 -0.88
N ALA A 542 -24.94 2.52 0.37
CA ALA A 542 -26.11 3.34 0.74
C ALA A 542 -27.33 2.72 0.05
N ASP A 543 -28.16 3.50 -0.63
CA ASP A 543 -29.34 2.98 -1.31
C ASP A 543 -29.04 2.73 -2.79
N ALA A 544 -30.04 2.19 -3.48
CA ALA A 544 -29.94 1.90 -4.89
C ALA A 544 -30.95 2.76 -5.66
N ARG A 545 -30.46 3.49 -6.65
CA ARG A 545 -31.28 4.36 -7.47
C ARG A 545 -31.15 3.96 -8.94
N ARG A 546 -31.87 4.71 -9.79
CA ARG A 546 -31.94 4.36 -11.21
C ARG A 546 -30.59 4.53 -11.91
N ALA A 547 -29.78 5.51 -11.46
CA ALA A 547 -28.46 5.68 -12.06
C ALA A 547 -27.60 4.44 -11.86
N MET A 548 -27.68 3.83 -10.68
CA MET A 548 -26.91 2.61 -10.43
C MET A 548 -27.42 1.45 -11.28
N TYR A 549 -28.74 1.36 -11.48
CA TYR A 549 -29.28 0.33 -12.37
C TYR A 549 -28.77 0.52 -13.79
N ILE A 550 -28.74 1.76 -14.28
CA ILE A 550 -28.24 2.02 -15.62
C ILE A 550 -26.77 1.69 -15.73
N ASP A 551 -25.99 2.03 -14.70
CA ASP A 551 -24.58 1.67 -14.69
C ASP A 551 -24.38 0.17 -14.72
N ALA A 552 -25.19 -0.57 -13.95
CA ALA A 552 -25.08 -2.02 -13.94
C ALA A 552 -25.43 -2.63 -15.28
N ILE A 553 -26.51 -2.17 -15.91
CA ILE A 553 -26.90 -2.70 -17.22
C ILE A 553 -26.13 -2.07 -18.36
N ARG A 554 -25.18 -1.18 -18.06
CA ARG A 554 -24.31 -0.61 -19.08
C ARG A 554 -22.92 -1.23 -19.06
N ILE A 555 -22.50 -1.83 -17.95
CA ILE A 555 -21.23 -2.54 -17.91
C ILE A 555 -21.33 -3.94 -18.51
N LEU A 556 -22.53 -4.53 -18.52
CA LEU A 556 -22.71 -5.83 -19.14
C LEU A 556 -22.77 -5.72 -20.66
N GLY A 557 -23.22 -4.58 -21.19
CA GLY A 557 -23.20 -4.34 -22.62
C GLY A 557 -24.56 -4.14 -23.25
N THR A 558 -24.86 -2.90 -23.65
CA THR A 558 -26.07 -2.58 -24.40
C THR A 558 -25.71 -1.59 -25.51
N ASN A 559 -26.57 -1.54 -26.51
CA ASN A 559 -26.44 -0.59 -27.61
C ASN A 559 -27.70 0.27 -27.69
N LEU A 560 -28.17 0.72 -26.53
CA LEU A 560 -29.39 1.50 -26.40
C LEU A 560 -29.05 2.96 -26.12
N SER A 561 -30.01 3.84 -26.44
CA SER A 561 -29.90 5.25 -26.14
C SER A 561 -30.30 5.51 -24.69
N TYR A 562 -30.25 6.77 -24.27
CA TYR A 562 -30.44 7.08 -22.86
C TYR A 562 -31.91 6.97 -22.46
N ASP A 563 -32.83 7.43 -23.31
CA ASP A 563 -34.24 7.35 -22.98
C ASP A 563 -34.72 5.91 -22.89
N GLU A 564 -34.28 5.07 -23.82
CA GLU A 564 -34.64 3.65 -23.76
C GLU A 564 -34.07 3.00 -22.51
N LEU A 565 -32.85 3.38 -22.12
CA LEU A 565 -32.26 2.84 -20.89
C LEU A 565 -33.05 3.28 -19.67
N LYS A 566 -33.52 4.53 -19.64
CA LYS A 566 -34.35 4.98 -18.52
C LYS A 566 -35.65 4.21 -18.46
N ALA A 567 -36.28 3.96 -19.61
CA ALA A 567 -37.49 3.15 -19.62
C ALA A 567 -37.25 1.74 -19.11
N LEU A 568 -36.14 1.13 -19.55
CA LEU A 568 -35.83 -0.23 -19.11
C LEU A 568 -35.56 -0.26 -17.61
N ALA A 569 -34.88 0.75 -17.08
CA ALA A 569 -34.60 0.80 -15.65
C ALA A 569 -35.87 1.03 -14.85
N ASP A 570 -36.79 1.83 -15.37
CA ASP A 570 -38.08 2.01 -14.71
C ASP A 570 -38.90 0.73 -14.73
N THR A 571 -38.68 -0.13 -15.74
CA THR A 571 -39.36 -1.42 -15.76
C THR A 571 -39.02 -2.25 -14.51
N PHE A 572 -37.83 -2.03 -13.93
CA PHE A 572 -37.43 -2.81 -12.75
C PHE A 572 -38.38 -2.60 -11.59
N SER A 573 -38.75 -1.35 -11.32
CA SER A 573 -39.50 -1.02 -10.11
C SER A 573 -40.84 -0.34 -10.41
N LEU A 574 -41.41 -0.59 -11.58
CA LEU A 574 -42.72 -0.06 -11.94
C LEU A 574 -43.46 -1.09 -12.78
N ASP A 575 -44.78 -1.00 -12.77
CA ASP A 575 -45.64 -1.90 -13.53
C ASP A 575 -46.02 -1.24 -14.86
N GLU A 576 -46.94 -1.86 -15.59
CA GLU A 576 -47.43 -1.32 -16.85
C GLU A 576 -48.52 -0.27 -16.66
N ASN A 577 -48.73 0.19 -15.43
CA ASN A 577 -49.72 1.24 -15.14
C ASN A 577 -49.08 2.49 -14.59
N GLY A 578 -48.17 2.37 -13.62
CA GLY A 578 -47.48 3.53 -13.11
C GLY A 578 -47.22 3.49 -11.61
N ASN A 579 -47.83 2.53 -10.92
CA ASN A 579 -47.63 2.39 -9.49
C ASN A 579 -46.51 1.39 -9.20
N LYS A 580 -46.05 1.38 -7.96
CA LYS A 580 -44.95 0.51 -7.57
C LYS A 580 -45.38 -0.96 -7.61
N LEU A 581 -44.43 -1.82 -7.94
CA LEU A 581 -44.67 -3.25 -7.88
C LEU A 581 -44.87 -3.69 -6.44
N LYS A 582 -45.74 -4.69 -6.26
CA LYS A 582 -46.07 -5.17 -4.93
C LYS A 582 -44.87 -5.93 -4.33
N LYS A 583 -44.96 -6.17 -3.02
CA LYS A 583 -43.89 -6.88 -2.33
C LYS A 583 -43.75 -8.30 -2.87
N GLY A 584 -42.51 -8.70 -3.11
CA GLY A 584 -42.21 -10.00 -3.64
C GLY A 584 -42.21 -10.08 -5.15
N LYS A 585 -42.65 -9.02 -5.84
CA LYS A 585 -42.63 -8.97 -7.29
C LYS A 585 -41.36 -8.35 -7.85
N HIS A 586 -40.44 -7.92 -6.99
CA HIS A 586 -39.14 -7.41 -7.41
C HIS A 586 -38.19 -8.60 -7.52
N GLY A 587 -38.05 -9.13 -8.74
CA GLY A 587 -37.18 -10.27 -8.94
C GLY A 587 -36.00 -9.98 -9.84
N MET A 588 -36.18 -9.11 -10.82
CA MET A 588 -35.06 -8.68 -11.66
C MET A 588 -34.25 -7.58 -10.98
N ARG A 589 -34.91 -6.74 -10.19
CA ARG A 589 -34.19 -5.71 -9.44
C ARG A 589 -33.24 -6.33 -8.43
N ASN A 590 -33.72 -7.33 -7.68
CA ASN A 590 -32.88 -7.95 -6.65
C ASN A 590 -31.71 -8.69 -7.27
N PHE A 591 -31.93 -9.35 -8.40
CA PHE A 591 -30.84 -10.04 -9.09
C PHE A 591 -29.71 -9.08 -9.42
N ILE A 592 -30.05 -7.95 -10.05
CA ILE A 592 -29.03 -6.97 -10.42
C ILE A 592 -28.36 -6.40 -9.19
N ILE A 593 -29.14 -6.04 -8.16
CA ILE A 593 -28.58 -5.43 -6.96
C ILE A 593 -27.61 -6.38 -6.29
N ASN A 594 -27.97 -7.65 -6.15
CA ASN A 594 -27.15 -8.60 -5.42
C ASN A 594 -25.95 -9.07 -6.23
N ASN A 595 -26.04 -9.09 -7.56
CA ASN A 595 -24.98 -9.68 -8.35
C ASN A 595 -24.02 -8.67 -8.98
N VAL A 596 -24.46 -7.44 -9.22
CA VAL A 596 -23.59 -6.46 -9.84
C VAL A 596 -23.34 -5.29 -8.90
N ILE A 597 -24.42 -4.63 -8.45
CA ILE A 597 -24.27 -3.40 -7.68
C ILE A 597 -23.58 -3.66 -6.34
N SER A 598 -23.87 -4.82 -5.72
CA SER A 598 -23.34 -5.12 -4.39
C SER A 598 -21.98 -5.79 -4.42
N ASN A 599 -21.38 -5.98 -5.60
CA ASN A 599 -20.06 -6.58 -5.69
C ASN A 599 -18.99 -5.53 -5.41
N LYS A 600 -18.00 -5.90 -4.61
CA LYS A 600 -16.93 -4.97 -4.25
C LYS A 600 -16.12 -4.55 -5.47
N ARG A 601 -15.86 -5.50 -6.37
CA ARG A 601 -15.08 -5.22 -7.56
C ARG A 601 -15.82 -4.27 -8.51
N PHE A 602 -17.14 -4.37 -8.58
CA PHE A 602 -17.91 -3.39 -9.34
C PHE A 602 -17.79 -2.00 -8.73
N HIS A 603 -17.75 -1.93 -7.40
CA HIS A 603 -17.53 -0.65 -6.73
C HIS A 603 -16.17 -0.07 -7.10
N TYR A 604 -15.14 -0.93 -7.13
CA TYR A 604 -13.82 -0.49 -7.58
C TYR A 604 -13.89 0.07 -9.00
N LEU A 605 -14.53 -0.67 -9.91
CA LEU A 605 -14.57 -0.26 -11.31
C LEU A 605 -15.31 1.06 -11.49
N ILE A 606 -16.42 1.23 -10.78
CA ILE A 606 -17.14 2.51 -10.82
C ILE A 606 -16.26 3.62 -10.27
N ARG A 607 -15.51 3.32 -9.21
CA ARG A 607 -14.71 4.34 -8.54
C ARG A 607 -13.49 4.73 -9.34
N TYR A 608 -13.07 3.92 -10.32
CA TYR A 608 -11.88 4.24 -11.10
C TYR A 608 -12.11 4.22 -12.61
N GLY A 609 -13.35 4.32 -13.07
CA GLY A 609 -13.55 4.23 -14.51
C GLY A 609 -14.96 4.57 -14.93
N ASP A 610 -15.23 4.29 -16.21
CA ASP A 610 -16.52 4.54 -16.85
C ASP A 610 -17.13 3.19 -17.24
N PRO A 611 -18.38 2.92 -16.87
CA PRO A 611 -18.94 1.59 -17.17
C PRO A 611 -18.95 1.23 -18.65
N ALA A 612 -19.20 2.19 -19.53
CA ALA A 612 -19.34 1.86 -20.95
C ALA A 612 -18.02 1.47 -21.58
N HIS A 613 -16.89 1.94 -21.03
CA HIS A 613 -15.59 1.66 -21.59
C HIS A 613 -14.96 0.38 -21.06
N LEU A 614 -15.35 -0.06 -19.86
CA LEU A 614 -14.87 -1.33 -19.36
C LEU A 614 -15.40 -2.50 -20.20
N HIS A 615 -16.63 -2.37 -20.72
CA HIS A 615 -17.14 -3.35 -21.66
C HIS A 615 -16.30 -3.38 -22.93
N GLU A 616 -15.87 -2.21 -23.41
CA GLU A 616 -15.00 -2.16 -24.57
C GLU A 616 -13.67 -2.85 -24.29
N ILE A 617 -13.14 -2.67 -23.07
CA ILE A 617 -11.94 -3.41 -22.68
C ILE A 617 -12.21 -4.90 -22.70
N ALA A 618 -13.38 -5.32 -22.18
CA ALA A 618 -13.70 -6.73 -22.05
C ALA A 618 -13.96 -7.41 -23.38
N LYS A 619 -14.34 -6.66 -24.43
CA LYS A 619 -14.53 -7.29 -25.73
C LYS A 619 -13.23 -7.79 -26.34
N ASN A 620 -12.08 -7.31 -25.86
CA ASN A 620 -10.81 -7.79 -26.36
C ASN A 620 -10.59 -9.24 -25.95
N GLU A 621 -9.85 -9.97 -26.78
CA GLU A 621 -9.56 -11.37 -26.56
C GLU A 621 -8.17 -11.62 -25.99
N ALA A 622 -7.17 -10.87 -26.45
CA ALA A 622 -5.80 -11.11 -26.00
C ALA A 622 -5.64 -10.82 -24.51
N VAL A 623 -6.19 -9.71 -24.03
CA VAL A 623 -6.06 -9.37 -22.62
C VAL A 623 -6.84 -10.37 -21.75
N VAL A 624 -7.98 -10.83 -22.24
CA VAL A 624 -8.77 -11.81 -21.49
C VAL A 624 -8.00 -13.12 -21.35
N LYS A 625 -7.41 -13.58 -22.46
CA LYS A 625 -6.62 -14.80 -22.41
C LYS A 625 -5.41 -14.62 -21.50
N PHE A 626 -4.79 -13.44 -21.53
CA PHE A 626 -3.64 -13.18 -20.65
C PHE A 626 -4.03 -13.27 -19.19
N VAL A 627 -5.17 -12.66 -18.82
CA VAL A 627 -5.61 -12.70 -17.43
C VAL A 627 -5.95 -14.12 -17.01
N LEU A 628 -6.65 -14.86 -17.86
CA LEU A 628 -7.01 -16.23 -17.51
C LEU A 628 -5.78 -17.12 -17.40
N GLY A 629 -4.79 -16.92 -18.27
CA GLY A 629 -3.55 -17.67 -18.14
C GLY A 629 -2.80 -17.35 -16.86
N ARG A 630 -2.81 -16.08 -16.46
CA ARG A 630 -2.21 -15.71 -15.18
C ARG A 630 -2.91 -16.42 -14.04
N ILE A 631 -4.24 -16.51 -14.10
CA ILE A 631 -4.97 -17.26 -13.08
C ILE A 631 -4.57 -18.73 -13.11
N ALA A 632 -4.43 -19.31 -14.30
CA ALA A 632 -4.10 -20.72 -14.43
C ALA A 632 -2.69 -21.06 -13.99
N ASP A 633 -1.76 -20.09 -14.02
CA ASP A 633 -0.36 -20.34 -13.68
C ASP A 633 -0.03 -19.93 -12.25
N ILE A 634 -0.95 -20.12 -11.32
CA ILE A 634 -0.68 -19.88 -9.90
C ILE A 634 -0.27 -21.21 -9.27
N GLN A 635 0.90 -21.22 -8.65
CA GLN A 635 1.43 -22.41 -8.00
C GLN A 635 1.37 -22.25 -6.50
N LYS A 636 0.89 -23.29 -5.81
CA LYS A 636 0.71 -23.26 -4.37
C LYS A 636 -0.20 -22.12 -3.94
N GLN A 640 -6.76 -23.87 -4.29
CA GLN A 640 -5.34 -23.93 -3.97
C GLN A 640 -4.50 -23.58 -5.20
N ASN A 641 -4.46 -24.50 -6.17
CA ASN A 641 -3.72 -24.28 -7.39
C ASN A 641 -4.56 -23.49 -8.39
N GLY A 642 -3.87 -22.96 -9.41
CA GLY A 642 -4.58 -22.25 -10.46
C GLY A 642 -5.30 -23.17 -11.41
N LYS A 643 -4.75 -24.37 -11.65
CA LYS A 643 -5.43 -25.33 -12.53
C LYS A 643 -6.75 -25.78 -11.94
N ASN A 644 -6.85 -25.87 -10.62
CA ASN A 644 -8.12 -26.22 -9.98
C ASN A 644 -9.15 -25.13 -10.22
N GLN A 645 -8.74 -23.85 -10.16
CA GLN A 645 -9.68 -22.76 -10.31
C GLN A 645 -10.21 -22.68 -11.75
N ILE A 646 -9.36 -22.98 -12.73
CA ILE A 646 -9.81 -22.98 -14.12
C ILE A 646 -10.88 -24.05 -14.32
N ASP A 647 -10.67 -25.23 -13.75
CA ASP A 647 -11.68 -26.29 -13.85
C ASP A 647 -12.96 -25.90 -13.13
N ARG A 648 -12.84 -25.20 -11.99
CA ARG A 648 -14.02 -24.79 -11.25
C ARG A 648 -14.86 -23.79 -12.04
N TYR A 649 -14.23 -22.83 -12.70
CA TYR A 649 -14.97 -21.93 -13.58
C TYR A 649 -15.65 -22.69 -14.72
N TYR A 650 -14.94 -23.60 -15.36
CA TYR A 650 -15.52 -24.33 -16.49
C TYR A 650 -16.69 -25.19 -16.03
N GLU A 651 -16.55 -25.85 -14.87
CA GLU A 651 -17.61 -26.72 -14.39
C GLU A 651 -18.85 -25.92 -14.01
N THR A 652 -18.67 -24.71 -13.49
CA THR A 652 -19.80 -23.89 -13.06
C THR A 652 -20.37 -23.02 -14.18
N CYS A 653 -19.52 -22.50 -15.06
CA CYS A 653 -19.97 -21.59 -16.11
C CYS A 653 -20.40 -22.32 -17.37
N ILE A 654 -19.64 -23.33 -17.79
CA ILE A 654 -19.94 -24.04 -19.03
C ILE A 654 -20.80 -25.28 -18.77
N GLY A 655 -20.34 -26.15 -17.87
CA GLY A 655 -21.02 -27.38 -17.57
C GLY A 655 -20.01 -28.48 -17.34
N LYS A 656 -20.50 -29.72 -17.33
CA LYS A 656 -19.68 -30.89 -17.05
C LYS A 656 -19.20 -31.49 -18.36
N ASP A 657 -17.89 -31.61 -18.51
CA ASP A 657 -17.27 -32.24 -19.66
C ASP A 657 -15.92 -32.79 -19.27
N LYS A 658 -15.41 -33.72 -20.06
CA LYS A 658 -14.15 -34.37 -19.75
C LYS A 658 -13.31 -34.48 -21.01
N GLY A 659 -11.99 -34.58 -20.81
CA GLY A 659 -11.05 -34.73 -21.89
C GLY A 659 -10.50 -33.46 -22.48
N LYS A 660 -10.74 -32.31 -21.85
CA LYS A 660 -10.27 -31.04 -22.35
C LYS A 660 -9.06 -30.57 -21.54
N SER A 661 -8.09 -30.01 -22.23
CA SER A 661 -6.89 -29.47 -21.59
C SER A 661 -7.17 -28.06 -21.06
N VAL A 662 -6.13 -27.44 -20.50
CA VAL A 662 -6.28 -26.11 -19.93
C VAL A 662 -6.56 -25.08 -21.03
N SER A 663 -5.88 -25.23 -22.18
CA SER A 663 -6.04 -24.25 -23.25
C SER A 663 -7.46 -24.22 -23.79
N GLU A 664 -8.08 -25.38 -23.95
CA GLU A 664 -9.44 -25.42 -24.47
C GLU A 664 -10.45 -24.81 -23.50
N LYS A 665 -10.29 -25.09 -22.21
CA LYS A 665 -11.17 -24.47 -21.21
C LYS A 665 -10.98 -22.97 -21.18
N VAL A 666 -9.73 -22.51 -21.29
CA VAL A 666 -9.45 -21.08 -21.32
C VAL A 666 -10.08 -20.44 -22.54
N ASP A 667 -10.01 -21.11 -23.69
CA ASP A 667 -10.60 -20.58 -24.91
C ASP A 667 -12.12 -20.49 -24.78
N ALA A 668 -12.75 -21.51 -24.22
CA ALA A 668 -14.21 -21.48 -24.05
C ALA A 668 -14.62 -20.35 -23.10
N LEU A 669 -13.90 -20.19 -22.00
CA LEU A 669 -14.22 -19.11 -21.07
C LEU A 669 -14.00 -17.75 -21.73
N THR A 670 -12.97 -17.63 -22.55
CA THR A 670 -12.72 -16.39 -23.28
C THR A 670 -13.87 -16.07 -24.23
N LYS A 671 -14.38 -17.09 -24.92
CA LYS A 671 -15.52 -16.88 -25.81
C LYS A 671 -16.76 -16.46 -25.02
N ILE A 672 -16.95 -17.03 -23.84
CA ILE A 672 -18.07 -16.60 -23.00
C ILE A 672 -17.91 -15.14 -22.57
N ILE A 673 -16.71 -14.75 -22.15
CA ILE A 673 -16.51 -13.40 -21.62
C ILE A 673 -16.59 -12.36 -22.73
N THR A 674 -15.94 -12.63 -23.87
CA THR A 674 -15.88 -11.63 -24.94
C THR A 674 -17.27 -11.31 -25.48
N GLY A 675 -18.10 -12.33 -25.69
CA GLY A 675 -19.47 -12.07 -26.06
C GLY A 675 -20.35 -11.93 -24.83
N MET A 676 -20.57 -10.70 -24.39
CA MET A 676 -21.35 -10.45 -23.19
C MET A 676 -22.35 -9.33 -23.47
N ASN A 677 -23.59 -9.55 -23.04
CA ASN A 677 -24.66 -8.60 -23.30
C ASN A 677 -25.74 -8.76 -22.25
N TYR A 678 -26.53 -7.71 -22.07
CA TYR A 678 -27.62 -7.75 -21.10
C TYR A 678 -28.87 -8.44 -21.64
N ASP A 679 -28.99 -8.57 -22.96
CA ASP A 679 -30.19 -9.15 -23.53
C ASP A 679 -30.36 -10.61 -23.12
N GLN A 680 -29.25 -11.33 -22.90
CA GLN A 680 -29.37 -12.74 -22.52
C GLN A 680 -29.97 -12.91 -21.14
N PHE A 681 -30.06 -11.83 -20.35
CA PHE A 681 -30.78 -11.86 -19.08
C PHE A 681 -32.19 -11.30 -19.18
N ASP A 682 -32.40 -10.28 -20.01
CA ASP A 682 -33.74 -9.75 -20.22
C ASP A 682 -34.65 -10.77 -20.88
N LYS A 683 -34.09 -11.64 -21.73
CA LYS A 683 -34.89 -12.68 -22.36
C LYS A 683 -35.21 -13.82 -21.40
N LYS A 684 -34.36 -14.07 -20.42
CA LYS A 684 -34.55 -15.14 -19.45
C LYS A 684 -35.11 -14.63 -18.13
N ARG A 685 -35.55 -13.37 -18.11
CA ARG A 685 -36.26 -12.77 -16.97
C ARG A 685 -37.25 -13.72 -16.30
N SER A 686 -37.99 -14.51 -17.09
CA SER A 686 -38.93 -15.46 -16.50
C SER A 686 -38.21 -16.50 -15.65
N VAL A 687 -37.08 -17.03 -16.14
CA VAL A 687 -36.32 -18.00 -15.37
C VAL A 687 -35.67 -17.34 -14.16
N ILE A 688 -35.22 -16.09 -14.32
CA ILE A 688 -34.50 -15.42 -13.24
C ILE A 688 -35.40 -15.22 -12.03
N GLU A 689 -36.66 -14.84 -12.24
CA GLU A 689 -37.58 -14.60 -11.16
C GLU A 689 -38.14 -15.88 -10.54
N ASP A 690 -37.64 -17.04 -10.96
CA ASP A 690 -38.04 -18.33 -10.38
C ASP A 690 -36.97 -18.72 -9.37
N THR A 691 -37.18 -18.33 -8.12
CA THR A 691 -36.20 -18.60 -7.06
C THR A 691 -36.42 -20.00 -6.51
N GLY A 692 -35.45 -20.88 -6.73
CA GLY A 692 -35.52 -22.24 -6.24
C GLY A 692 -34.13 -22.83 -6.14
N ARG A 693 -34.05 -24.03 -5.59
CA ARG A 693 -32.79 -24.74 -5.40
C ARG A 693 -32.46 -25.67 -6.56
N GLU A 694 -33.33 -25.78 -7.56
CA GLU A 694 -33.10 -26.62 -8.72
C GLU A 694 -32.99 -25.81 -10.01
N ASN A 695 -32.79 -24.50 -9.92
CA ASN A 695 -32.75 -23.62 -11.08
C ASN A 695 -31.30 -23.37 -11.46
N ALA A 696 -30.71 -24.36 -12.16
CA ALA A 696 -29.29 -24.33 -12.48
C ALA A 696 -28.90 -23.12 -13.33
N GLU A 697 -29.80 -22.68 -14.21
CA GLU A 697 -29.49 -21.58 -15.12
C GLU A 697 -29.23 -20.28 -14.35
N ARG A 698 -29.98 -20.07 -13.27
CA ARG A 698 -29.75 -18.91 -12.41
C ARG A 698 -28.33 -18.90 -11.85
N GLU A 699 -27.89 -20.03 -11.29
CA GLU A 699 -26.55 -20.12 -10.75
C GLU A 699 -25.50 -19.94 -11.85
N LYS A 700 -25.75 -20.48 -13.04
CA LYS A 700 -24.81 -20.27 -14.14
C LYS A 700 -24.67 -18.79 -14.46
N PHE A 701 -25.79 -18.06 -14.48
CA PHE A 701 -25.74 -16.63 -14.72
C PHE A 701 -24.92 -15.91 -13.66
N LYS A 702 -25.15 -16.26 -12.39
CA LYS A 702 -24.39 -15.63 -11.30
C LYS A 702 -22.90 -15.86 -11.46
N LYS A 703 -22.50 -17.10 -11.76
CA LYS A 703 -21.08 -17.41 -11.92
C LYS A 703 -20.48 -16.63 -13.07
N ILE A 704 -21.20 -16.54 -14.19
CA ILE A 704 -20.68 -15.83 -15.36
C ILE A 704 -20.44 -14.36 -15.02
N ILE A 705 -21.41 -13.72 -14.37
CA ILE A 705 -21.27 -12.32 -14.01
C ILE A 705 -20.07 -12.12 -13.09
N SER A 706 -19.93 -13.00 -12.09
CA SER A 706 -18.83 -12.86 -11.14
C SER A 706 -17.47 -12.96 -11.84
N LEU A 707 -17.30 -13.95 -12.71
CA LEU A 707 -16.03 -14.13 -13.40
C LEU A 707 -15.71 -12.93 -14.30
N TYR A 708 -16.71 -12.44 -15.03
CA TYR A 708 -16.52 -11.28 -15.90
C TYR A 708 -16.02 -10.07 -15.10
N LEU A 709 -16.69 -9.79 -13.97
CA LEU A 709 -16.28 -8.67 -13.14
C LEU A 709 -14.87 -8.85 -12.59
N THR A 710 -14.52 -10.09 -12.20
CA THR A 710 -13.19 -10.36 -11.68
C THR A 710 -12.12 -10.04 -12.72
N VAL A 711 -12.34 -10.45 -13.97
CA VAL A 711 -11.35 -10.21 -15.01
C VAL A 711 -11.12 -8.71 -15.21
N ILE A 712 -12.21 -7.95 -15.35
CA ILE A 712 -12.05 -6.52 -15.57
C ILE A 712 -11.37 -5.86 -14.37
N TYR A 713 -11.70 -6.32 -13.17
CA TYR A 713 -11.11 -5.77 -11.96
C TYR A 713 -9.60 -5.95 -11.94
N HIS A 714 -9.13 -7.14 -12.29
CA HIS A 714 -7.68 -7.38 -12.35
C HIS A 714 -7.02 -6.42 -13.33
N ILE A 715 -7.62 -6.30 -14.53
CA ILE A 715 -7.02 -5.49 -15.58
C ILE A 715 -6.85 -4.04 -15.12
N LEU A 716 -7.88 -3.48 -14.47
CA LEU A 716 -7.77 -2.08 -14.05
C LEU A 716 -6.83 -1.91 -12.86
N LYS A 717 -6.86 -2.86 -11.93
CA LYS A 717 -6.10 -2.74 -10.69
C LYS A 717 -4.60 -2.67 -10.95
N ASN A 718 -4.10 -3.51 -11.85
CA ASN A 718 -2.65 -3.51 -12.07
C ASN A 718 -2.16 -2.18 -12.66
N ILE A 719 -2.92 -1.62 -13.60
CA ILE A 719 -2.58 -0.32 -14.17
C ILE A 719 -2.54 0.74 -13.08
N VAL A 720 -3.54 0.74 -12.18
CA VAL A 720 -3.55 1.75 -11.12
C VAL A 720 -2.32 1.61 -10.23
N ASN A 721 -1.90 0.38 -9.94
CA ASN A 721 -0.73 0.20 -9.08
C ASN A 721 0.54 0.76 -9.72
N ILE A 722 0.74 0.49 -11.01
CA ILE A 722 1.93 1.02 -11.68
C ILE A 722 1.93 2.54 -11.69
N ASN A 723 0.76 3.13 -11.94
CA ASN A 723 0.68 4.59 -11.91
C ASN A 723 1.04 5.13 -10.52
N ALA A 724 0.62 4.42 -9.47
CA ALA A 724 0.97 4.83 -8.12
C ALA A 724 2.48 4.84 -7.92
N ARG A 725 3.17 3.83 -8.46
CA ARG A 725 4.63 3.80 -8.38
C ARG A 725 5.24 5.07 -8.99
N TYR A 726 4.77 5.45 -10.19
CA TYR A 726 5.39 6.62 -10.81
C TYR A 726 5.03 7.92 -10.09
N VAL A 727 3.84 8.00 -9.51
CA VAL A 727 3.50 9.17 -8.69
C VAL A 727 4.45 9.28 -7.50
N ILE A 728 4.76 8.15 -6.86
CA ILE A 728 5.72 8.16 -5.75
C ILE A 728 7.07 8.70 -6.22
N GLY A 729 7.51 8.25 -7.40
CA GLY A 729 8.79 8.72 -7.92
C GLY A 729 8.87 10.22 -8.08
N PHE A 730 7.82 10.81 -8.68
CA PHE A 730 7.87 12.26 -8.89
C PHE A 730 7.70 13.04 -7.58
N HIS A 731 6.93 12.51 -6.63
CA HIS A 731 6.90 13.11 -5.30
C HIS A 731 8.31 13.15 -4.71
N CYS A 732 9.06 12.06 -4.86
CA CYS A 732 10.41 12.02 -4.31
C CYS A 732 11.32 13.06 -4.98
N VAL A 733 11.21 13.21 -6.30
CA VAL A 733 12.10 14.19 -6.95
C VAL A 733 11.78 15.61 -6.47
N GLU A 734 10.50 15.92 -6.28
CA GLU A 734 10.15 17.26 -5.77
C GLU A 734 10.72 17.48 -4.37
N ARG A 735 10.57 16.49 -3.49
CA ARG A 735 11.07 16.62 -2.13
C ARG A 735 12.58 16.81 -2.10
N ASP A 736 13.31 16.02 -2.91
CA ASP A 736 14.75 16.14 -2.92
C ASP A 736 15.21 17.47 -3.51
N ALA A 737 14.47 18.01 -4.49
CA ALA A 737 14.78 19.35 -4.99
C ALA A 737 14.67 20.38 -3.88
N GLN A 738 13.61 20.30 -3.09
CA GLN A 738 13.47 21.23 -1.96
C GLN A 738 14.63 21.09 -0.98
N LEU A 739 14.98 19.86 -0.62
CA LEU A 739 16.06 19.67 0.35
C LEU A 739 17.39 20.21 -0.17
N TYR A 740 17.70 19.94 -1.45
CA TYR A 740 18.96 20.43 -1.99
C TYR A 740 18.99 21.95 -2.08
N LYS A 741 17.83 22.58 -2.35
CA LYS A 741 17.78 24.04 -2.27
C LYS A 741 18.08 24.51 -0.85
N GLU A 742 17.49 23.86 0.15
CA GLU A 742 17.70 24.29 1.53
C GLU A 742 19.13 24.10 1.98
N LYS A 743 19.83 23.09 1.45
CA LYS A 743 21.21 22.86 1.82
C LYS A 743 22.11 24.03 1.43
N GLY A 744 21.81 24.67 0.31
CA GLY A 744 22.57 25.83 -0.10
C GLY A 744 23.08 25.75 -1.53
N TYR A 745 22.53 24.84 -2.32
CA TYR A 745 22.95 24.69 -3.71
C TYR A 745 22.18 25.67 -4.59
N ASP A 746 22.48 25.64 -5.89
CA ASP A 746 22.00 26.65 -6.84
C ASP A 746 20.84 26.13 -7.69
N ILE A 747 19.93 25.37 -7.12
CA ILE A 747 18.75 24.91 -7.85
C ILE A 747 17.70 26.01 -7.83
N ASN A 748 16.81 25.96 -8.82
CA ASN A 748 15.75 26.96 -8.99
C ASN A 748 14.41 26.23 -9.01
N LEU A 749 13.62 26.41 -7.95
CA LEU A 749 12.38 25.66 -7.79
C LEU A 749 11.24 26.18 -8.66
N LYS A 750 11.23 27.47 -9.01
CA LYS A 750 10.16 27.99 -9.84
C LYS A 750 10.25 27.46 -11.27
N LYS A 751 11.46 27.23 -11.77
CA LYS A 751 11.68 26.73 -13.11
C LYS A 751 11.84 25.22 -13.15
N LEU A 752 11.44 24.52 -12.09
CA LEU A 752 11.57 23.07 -12.04
C LEU A 752 10.63 22.37 -13.00
N GLU A 753 9.54 23.02 -13.42
CA GLU A 753 8.55 22.38 -14.28
C GLU A 753 8.83 22.62 -15.75
N GLU A 754 9.24 23.84 -16.15
CA GLU A 754 9.55 24.08 -17.54
C GLU A 754 10.76 23.27 -17.98
N LYS A 755 11.76 23.15 -17.12
CA LYS A 755 12.76 22.10 -17.27
C LYS A 755 12.12 20.76 -16.95
N GLY A 756 12.54 19.73 -17.67
CA GLY A 756 11.84 18.46 -17.57
C GLY A 756 12.07 17.74 -16.26
N PHE A 757 11.81 18.43 -15.14
CA PHE A 757 12.01 17.89 -13.80
C PHE A 757 13.40 17.31 -13.61
N SER A 758 14.39 17.84 -14.35
CA SER A 758 15.73 17.25 -14.40
C SER A 758 16.78 18.20 -13.83
N SER A 759 16.38 19.22 -13.07
CA SER A 759 17.36 20.14 -12.49
C SER A 759 18.17 19.45 -11.39
N VAL A 760 17.55 18.55 -10.63
CA VAL A 760 18.26 17.84 -9.58
C VAL A 760 19.32 16.92 -10.18
N THR A 761 18.99 16.25 -11.28
CA THR A 761 19.94 15.36 -11.93
C THR A 761 21.14 16.14 -12.48
N LYS A 762 20.88 17.32 -13.06
CA LYS A 762 21.98 18.17 -13.51
C LYS A 762 22.83 18.64 -12.34
N LEU A 763 22.20 19.01 -11.22
CA LEU A 763 22.93 19.54 -10.09
C LEU A 763 23.90 18.51 -9.53
N CYS A 764 23.47 17.26 -9.39
CA CYS A 764 24.26 16.21 -8.76
C CYS A 764 25.22 15.53 -9.72
N ALA A 765 25.15 15.83 -11.01
CA ALA A 765 26.09 15.22 -11.95
C ALA A 765 27.48 15.85 -11.85
N GLY A 766 27.55 17.11 -11.43
CA GLY A 766 28.83 17.75 -11.20
C GLY A 766 29.07 18.99 -12.04
N ILE A 767 30.20 19.03 -12.74
CA ILE A 767 30.53 20.18 -13.57
C ILE A 767 29.51 20.31 -14.70
N ASP A 768 29.33 21.53 -15.18
CA ASP A 768 28.36 21.83 -16.22
C ASP A 768 29.08 22.01 -17.55
N GLU A 769 28.75 21.16 -18.52
CA GLU A 769 29.33 21.25 -19.85
C GLU A 769 28.30 21.44 -20.95
N THR A 770 27.01 21.35 -20.65
CA THR A 770 25.98 21.56 -21.67
C THR A 770 25.92 23.00 -22.14
N ALA A 771 26.48 23.93 -21.39
CA ALA A 771 26.46 25.33 -21.77
C ALA A 771 27.42 25.56 -22.94
N PRO A 772 26.96 26.17 -24.04
CA PRO A 772 27.86 26.39 -25.18
C PRO A 772 28.80 27.56 -24.98
N ASP A 773 28.68 28.22 -23.82
CA ASP A 773 29.52 29.36 -23.48
C ASP A 773 30.77 28.96 -22.70
N LYS A 774 30.68 27.92 -21.87
CA LYS A 774 31.78 27.54 -20.99
C LYS A 774 32.39 26.19 -21.33
N ARG A 775 32.13 25.63 -22.51
CA ARG A 775 32.80 24.39 -22.87
C ARG A 775 34.30 24.60 -23.03
N LYS A 776 34.71 25.84 -23.31
CA LYS A 776 36.12 26.15 -23.50
C LYS A 776 36.91 25.87 -22.22
N ASP A 777 36.34 26.19 -21.07
CA ASP A 777 37.02 26.02 -19.79
C ASP A 777 36.85 24.63 -19.20
N VAL A 778 35.65 24.05 -19.27
CA VAL A 778 35.41 22.74 -18.67
C VAL A 778 36.26 21.68 -19.35
N GLU A 779 36.26 21.67 -20.68
CA GLU A 779 37.07 20.71 -21.41
C GLU A 779 38.56 20.94 -21.16
N LYS A 780 38.97 22.20 -20.98
CA LYS A 780 40.37 22.47 -20.68
C LYS A 780 40.71 22.13 -19.23
N GLU A 781 39.79 22.44 -18.30
CA GLU A 781 40.06 22.18 -16.88
C GLU A 781 40.16 20.69 -16.60
N MET A 782 39.29 19.89 -17.21
CA MET A 782 39.38 18.44 -17.02
C MET A 782 40.67 17.88 -17.60
N ALA A 783 41.14 18.46 -18.70
CA ALA A 783 42.35 17.96 -19.34
C ALA A 783 43.57 18.18 -18.46
N GLU A 784 43.64 19.32 -17.76
CA GLU A 784 44.83 19.60 -16.96
C GLU A 784 44.84 18.80 -15.67
N ARG A 785 43.67 18.56 -15.06
CA ARG A 785 43.65 17.73 -13.87
C ARG A 785 43.84 16.26 -14.21
N ALA A 786 43.46 15.85 -15.43
CA ALA A 786 43.72 14.48 -15.85
C ALA A 786 45.22 14.20 -15.97
N LYS A 787 45.97 15.17 -16.50
CA LYS A 787 47.40 14.96 -16.70
C LYS A 787 48.16 14.92 -15.38
N GLU A 788 47.69 15.66 -14.37
CA GLU A 788 48.33 15.62 -13.06
C GLU A 788 48.18 14.26 -12.41
N SER A 789 47.01 13.63 -12.56
CA SER A 789 46.77 12.33 -11.94
C SER A 789 47.68 11.26 -12.53
N ILE A 790 47.90 11.29 -13.84
CA ILE A 790 48.78 10.30 -14.46
C ILE A 790 50.19 10.40 -13.92
N ASP A 791 50.71 11.63 -13.82
CA ASP A 791 52.06 11.82 -13.30
C ASP A 791 52.15 11.42 -11.83
N SER A 792 51.12 11.75 -11.05
CA SER A 792 51.09 11.41 -9.63
C SER A 792 50.37 10.09 -9.39
N LEU A 793 50.90 9.04 -10.02
CA LEU A 793 50.32 7.70 -9.92
C LEU A 793 51.20 6.74 -9.13
N GLU A 794 52.53 6.80 -9.30
CA GLU A 794 53.41 5.93 -8.54
C GLU A 794 53.30 6.20 -7.05
N SER A 795 53.24 7.48 -6.67
CA SER A 795 53.05 7.82 -5.26
C SER A 795 51.69 7.37 -4.76
N ALA A 796 50.64 7.53 -5.58
CA ALA A 796 49.28 7.25 -5.13
C ALA A 796 49.02 5.75 -5.06
N ASN A 797 49.15 5.05 -6.17
CA ASN A 797 48.84 3.63 -6.28
C ASN A 797 50.04 2.93 -6.90
N PRO A 798 51.04 2.58 -6.11
CA PRO A 798 52.25 1.96 -6.67
C PRO A 798 51.99 0.63 -7.37
N LYS A 799 51.03 -0.16 -6.90
CA LYS A 799 50.77 -1.45 -7.52
C LYS A 799 50.29 -1.30 -8.95
N LEU A 800 49.40 -0.33 -9.21
CA LEU A 800 48.91 -0.09 -10.56
C LEU A 800 49.98 0.54 -11.44
N TYR A 801 50.86 1.35 -10.86
CA TYR A 801 51.92 1.97 -11.65
C TYR A 801 52.89 0.93 -12.20
N ALA A 802 53.13 -0.14 -11.44
CA ALA A 802 54.02 -1.19 -11.92
C ALA A 802 53.48 -1.87 -13.15
N ASN A 803 52.17 -1.81 -13.37
CA ASN A 803 51.56 -2.34 -14.58
C ASN A 803 51.30 -1.28 -15.64
N TYR A 804 51.21 -0.01 -15.25
CA TYR A 804 50.95 1.05 -16.21
C TYR A 804 52.12 1.25 -17.16
N ILE A 805 53.35 1.09 -16.67
CA ILE A 805 54.52 1.28 -17.53
C ILE A 805 54.54 0.24 -18.64
N LYS A 806 54.11 -0.98 -18.34
CA LYS A 806 54.13 -2.06 -19.32
C LYS A 806 53.08 -1.89 -20.42
N TYR A 807 52.17 -0.92 -20.29
CA TYR A 807 51.15 -0.71 -21.31
C TYR A 807 51.78 -0.27 -22.63
N SER A 808 51.08 -0.56 -23.71
CA SER A 808 51.49 -0.09 -25.03
C SER A 808 51.12 1.38 -25.21
N ASP A 809 51.74 2.01 -26.21
CA ASP A 809 51.55 3.43 -26.43
C ASP A 809 50.10 3.76 -26.77
N GLU A 810 49.45 2.91 -27.57
CA GLU A 810 48.06 3.15 -27.92
C GLU A 810 47.15 2.97 -26.70
N LYS A 811 47.46 2.00 -25.83
CA LYS A 811 46.61 1.75 -24.68
C LYS A 811 46.67 2.91 -23.69
N LYS A 812 47.82 3.60 -23.60
CA LYS A 812 47.90 4.80 -22.77
C LYS A 812 46.94 5.87 -23.24
N ALA A 813 46.76 6.00 -24.56
CA ALA A 813 45.87 7.01 -25.10
C ALA A 813 44.44 6.78 -24.66
N GLU A 814 43.99 5.53 -24.67
CA GLU A 814 42.64 5.22 -24.19
C GLU A 814 42.49 5.58 -22.72
N GLU A 815 43.51 5.30 -21.90
CA GLU A 815 43.43 5.58 -20.48
C GLU A 815 43.41 7.06 -20.18
N PHE A 816 43.86 7.91 -21.12
CA PHE A 816 43.71 9.35 -20.93
C PHE A 816 42.28 9.80 -21.18
N THR A 817 41.61 9.19 -22.16
CA THR A 817 40.21 9.50 -22.40
C THR A 817 39.34 9.10 -21.22
N ARG A 818 39.63 7.94 -20.63
CA ARG A 818 38.87 7.48 -19.47
C ARG A 818 39.16 8.32 -18.24
N GLN A 819 40.38 8.85 -18.14
CA GLN A 819 40.74 9.65 -16.96
C GLN A 819 39.92 10.93 -16.90
N ILE A 820 39.54 11.48 -18.05
CA ILE A 820 38.68 12.67 -18.04
C ILE A 820 37.31 12.33 -17.46
N ASN A 821 36.77 11.15 -17.81
CA ASN A 821 35.51 10.72 -17.22
C ASN A 821 35.64 10.53 -15.72
N ARG A 822 36.78 10.02 -15.26
CA ARG A 822 36.99 9.86 -13.81
C ARG A 822 37.08 11.21 -13.12
N GLU A 823 37.79 12.18 -13.72
CA GLU A 823 37.88 13.50 -13.13
C GLU A 823 36.52 14.18 -13.07
N LYS A 824 35.71 14.00 -14.12
CA LYS A 824 34.37 14.57 -14.11
C LYS A 824 33.50 13.96 -13.03
N ALA A 825 33.76 12.70 -12.66
CA ALA A 825 32.97 12.02 -11.65
C ALA A 825 33.39 12.37 -10.23
N LYS A 826 34.57 12.96 -10.04
CA LYS A 826 34.99 13.39 -8.72
C LYS A 826 34.28 14.67 -8.26
N THR A 827 33.57 15.34 -9.16
CA THR A 827 32.86 16.57 -8.84
C THR A 827 31.38 16.34 -8.57
N ALA A 828 30.95 15.09 -8.48
CA ALA A 828 29.55 14.79 -8.22
C ALA A 828 29.17 15.19 -6.79
N LEU A 829 27.86 15.31 -6.56
CA LEU A 829 27.34 15.72 -5.26
C LEU A 829 26.57 14.63 -4.54
N ASN A 830 26.52 13.43 -5.09
CA ASN A 830 25.92 12.27 -4.44
C ASN A 830 26.98 11.23 -4.17
N ALA A 831 26.56 10.14 -3.52
CA ALA A 831 27.36 8.93 -3.49
C ALA A 831 27.03 8.01 -4.65
N TYR A 832 25.83 8.12 -5.21
CA TYR A 832 25.48 7.33 -6.39
C TYR A 832 26.28 7.78 -7.61
N LEU A 833 26.37 9.09 -7.84
CA LEU A 833 26.91 9.62 -9.07
C LEU A 833 28.41 9.89 -9.01
N ARG A 834 29.07 9.57 -7.89
CA ARG A 834 30.52 9.60 -7.87
C ARG A 834 31.14 8.38 -8.53
N ASN A 835 30.36 7.32 -8.72
CA ASN A 835 30.81 6.20 -9.53
C ASN A 835 30.86 6.63 -10.99
N THR A 836 32.01 6.39 -11.64
CA THR A 836 32.19 6.84 -13.00
C THR A 836 31.31 6.08 -13.98
N LYS A 837 30.90 4.86 -13.62
CA LYS A 837 30.05 4.07 -14.50
C LYS A 837 28.71 4.74 -14.72
N TRP A 838 28.11 5.23 -13.64
CA TRP A 838 26.78 5.82 -13.75
C TRP A 838 26.82 7.27 -14.18
N ASN A 839 27.95 7.95 -13.98
CA ASN A 839 28.04 9.34 -14.39
C ASN A 839 28.15 9.47 -15.90
N VAL A 840 28.89 8.56 -16.55
CA VAL A 840 29.06 8.61 -18.00
C VAL A 840 27.75 8.23 -18.68
N ILE A 841 26.86 7.55 -17.96
CA ILE A 841 25.56 7.17 -18.49
C ILE A 841 24.54 8.28 -18.30
N ILE A 842 24.49 8.87 -17.10
CA ILE A 842 23.51 9.92 -16.83
C ILE A 842 23.83 11.18 -17.61
N ARG A 843 25.11 11.53 -17.76
CA ARG A 843 25.48 12.71 -18.54
C ARG A 843 25.04 12.56 -20.00
N GLU A 844 25.30 11.39 -20.60
CA GLU A 844 24.95 11.19 -22.00
C GLU A 844 23.44 11.25 -22.21
N ASP A 845 22.66 10.87 -21.21
CA ASP A 845 21.20 10.96 -21.34
C ASP A 845 20.72 12.40 -21.18
N LEU A 846 21.47 13.23 -20.47
CA LEU A 846 21.03 14.60 -20.24
C LEU A 846 21.05 15.42 -21.53
N LEU A 847 21.92 15.07 -22.46
CA LEU A 847 22.05 15.88 -23.67
C LEU A 847 20.90 15.67 -24.64
N ARG A 848 20.25 14.51 -24.60
CA ARG A 848 19.30 14.13 -25.63
C ARG A 848 17.86 14.06 -25.14
N ILE A 849 17.53 14.68 -24.01
CA ILE A 849 16.16 14.67 -23.51
C ILE A 849 15.35 15.77 -24.19
N ASP A 850 14.02 15.68 -24.07
CA ASP A 850 13.11 16.72 -24.50
C ASP A 850 12.35 17.19 -23.26
N ASN A 851 12.45 18.48 -22.96
CA ASN A 851 11.96 18.98 -21.69
C ASN A 851 10.43 19.00 -21.64
N LYS A 852 9.79 19.23 -22.78
CA LYS A 852 8.33 19.31 -22.80
C LYS A 852 7.69 17.93 -22.77
N THR A 853 8.42 16.90 -23.21
CA THR A 853 7.88 15.55 -23.11
C THR A 853 7.94 15.02 -21.69
N CYS A 854 9.02 15.33 -20.96
CA CYS A 854 9.17 14.87 -19.60
C CYS A 854 8.14 15.50 -18.67
N THR A 855 7.79 16.77 -18.92
CA THR A 855 6.75 17.42 -18.13
C THR A 855 5.38 16.79 -18.41
N LEU A 856 5.17 16.29 -19.63
CA LEU A 856 3.90 15.63 -19.94
C LEU A 856 3.78 14.30 -19.20
N PHE A 857 4.88 13.54 -19.14
CA PHE A 857 4.88 12.28 -18.40
C PHE A 857 4.56 12.52 -16.93
N ALA A 858 5.13 13.58 -16.34
CA ALA A 858 4.90 13.86 -14.93
C ALA A 858 3.47 14.28 -14.67
N ASN A 859 2.92 15.13 -15.54
CA ASN A 859 1.56 15.64 -15.33
C ASN A 859 0.52 14.54 -15.48
N LYS A 860 0.69 13.67 -16.47
CA LYS A 860 -0.30 12.62 -16.73
C LYS A 860 -0.31 11.57 -15.62
N ALA A 861 0.85 11.27 -15.05
CA ALA A 861 0.93 10.27 -14.00
C ALA A 861 0.14 10.72 -12.77
N VAL A 862 0.26 11.99 -12.40
CA VAL A 862 -0.43 12.50 -11.22
C VAL A 862 -1.94 12.47 -11.44
N ALA A 863 -2.39 12.84 -12.64
CA ALA A 863 -3.81 12.97 -12.91
C ALA A 863 -4.51 11.64 -13.15
N LEU A 864 -3.76 10.54 -13.28
CA LEU A 864 -4.31 9.21 -13.57
C LEU A 864 -5.12 9.23 -14.86
N GLU A 865 -4.45 9.57 -15.96
CA GLU A 865 -5.09 9.56 -17.26
C GLU A 865 -4.75 8.33 -18.08
N VAL A 866 -3.88 7.45 -17.57
CA VAL A 866 -3.66 6.17 -18.25
C VAL A 866 -4.88 5.27 -18.09
N ALA A 867 -5.51 5.31 -16.92
CA ALA A 867 -6.67 4.47 -16.66
C ALA A 867 -7.90 4.92 -17.44
N ARG A 868 -7.92 6.15 -17.92
CA ARG A 868 -9.07 6.67 -18.65
C ARG A 868 -8.98 6.44 -20.16
N TYR A 869 -7.84 5.96 -20.66
CA TYR A 869 -7.65 5.76 -22.09
C TYR A 869 -7.18 4.36 -22.43
N VAL A 870 -7.39 3.39 -21.54
CA VAL A 870 -7.00 2.01 -21.85
C VAL A 870 -7.80 1.49 -23.03
N HIS A 871 -9.11 1.75 -23.05
CA HIS A 871 -9.97 1.22 -24.10
C HIS A 871 -9.64 1.82 -25.47
N ALA A 872 -9.10 3.03 -25.50
CA ALA A 872 -8.84 3.69 -26.79
C ALA A 872 -7.76 2.97 -27.58
N TYR A 873 -6.71 2.49 -26.91
CA TYR A 873 -5.56 1.93 -27.59
C TYR A 873 -5.34 0.46 -27.28
N ILE A 874 -6.31 -0.21 -26.65
CA ILE A 874 -6.11 -1.63 -26.33
C ILE A 874 -6.13 -2.50 -27.58
N ASN A 875 -6.96 -2.15 -28.57
CA ASN A 875 -7.07 -2.94 -29.78
C ASN A 875 -5.94 -2.67 -30.76
N ASP A 876 -5.13 -1.63 -30.55
CA ASP A 876 -4.03 -1.31 -31.44
C ASP A 876 -2.74 -2.02 -31.07
N ILE A 877 -2.63 -2.57 -29.87
CA ILE A 877 -1.39 -3.23 -29.45
C ILE A 877 -1.19 -4.51 -30.25
N ALA A 878 0.06 -4.97 -30.29
CA ALA A 878 0.39 -6.20 -30.98
C ALA A 878 0.31 -7.42 -30.06
N GLU A 879 0.95 -7.36 -28.91
CA GLU A 879 0.91 -8.43 -27.92
C GLU A 879 0.77 -7.83 -26.54
N VAL A 880 0.16 -8.61 -25.64
CA VAL A 880 0.04 -8.23 -24.23
C VAL A 880 0.81 -9.28 -23.44
N ASN A 881 2.09 -9.02 -23.17
CA ASN A 881 2.92 -9.95 -22.43
C ASN A 881 2.97 -9.64 -20.94
N SER A 882 2.81 -8.38 -20.55
CA SER A 882 2.83 -8.02 -19.14
C SER A 882 2.12 -6.69 -18.96
N TYR A 883 1.78 -6.39 -17.72
CA TYR A 883 1.13 -5.12 -17.41
C TYR A 883 2.10 -3.95 -17.53
N PHE A 884 3.38 -4.18 -17.26
CA PHE A 884 4.39 -3.15 -17.48
C PHE A 884 4.47 -2.78 -18.96
N GLN A 885 4.38 -3.78 -19.83
CA GLN A 885 4.46 -3.53 -21.26
C GLN A 885 3.20 -2.86 -21.78
N LEU A 886 2.04 -3.27 -21.25
CA LEU A 886 0.78 -2.64 -21.64
C LEU A 886 0.68 -1.21 -21.11
N TYR A 887 1.23 -0.97 -19.92
CA TYR A 887 1.10 0.35 -19.30
C TYR A 887 1.81 1.43 -20.12
N HIS A 888 3.00 1.10 -20.64
CA HIS A 888 3.82 2.14 -21.27
C HIS A 888 3.46 2.32 -22.73
N TYR A 889 2.66 1.43 -23.31
CA TYR A 889 2.11 1.69 -24.63
C TYR A 889 1.02 2.76 -24.56
N ILE A 890 0.11 2.63 -23.60
CA ILE A 890 -0.96 3.60 -23.44
C ILE A 890 -0.40 4.96 -23.06
N MET A 891 0.61 4.98 -22.19
CA MET A 891 1.21 6.24 -21.75
C MET A 891 1.89 6.95 -22.92
N GLN A 892 2.60 6.21 -23.77
CA GLN A 892 3.29 6.83 -24.89
C GLN A 892 2.34 7.24 -26.00
N ARG A 893 1.23 6.52 -26.17
CA ARG A 893 0.25 6.91 -27.18
C ARG A 893 -0.45 8.21 -26.79
N ILE A 894 -0.62 8.43 -25.47
CA ILE A 894 -1.22 9.69 -25.01
C ILE A 894 -0.32 10.87 -25.33
N ILE A 895 0.97 10.73 -25.04
CA ILE A 895 1.91 11.83 -25.28
C ILE A 895 2.01 12.14 -26.77
N MET A 896 2.00 11.10 -27.61
CA MET A 896 2.10 11.30 -29.06
C MET A 896 0.91 12.09 -29.58
N ASN A 897 -0.25 11.98 -28.93
CA ASN A 897 -1.43 12.69 -29.39
C ASN A 897 -1.23 14.20 -29.31
N GLU A 898 -0.61 14.67 -28.23
CA GLU A 898 -0.42 16.10 -28.04
C GLU A 898 0.83 16.64 -28.73
N ARG A 899 1.94 15.90 -28.67
CA ARG A 899 3.20 16.33 -29.27
C ARG A 899 3.72 15.28 -30.23
N TYR A 900 3.33 15.40 -31.51
CA TYR A 900 3.95 14.61 -32.56
C TYR A 900 4.39 15.52 -33.71
N GLU A 901 3.62 16.56 -33.97
CA GLU A 901 3.93 17.49 -35.05
C GLU A 901 5.14 18.36 -34.73
N LYS A 902 5.29 18.79 -33.48
CA LYS A 902 6.37 19.66 -33.08
C LYS A 902 7.60 18.91 -32.58
N SER A 903 7.55 17.58 -32.52
CA SER A 903 8.67 16.80 -32.02
C SER A 903 9.84 16.86 -32.99
N SER A 904 11.05 16.83 -32.44
CA SER A 904 12.26 16.86 -33.24
C SER A 904 13.37 16.13 -32.49
N GLY A 905 14.37 15.69 -33.23
CA GLY A 905 15.47 14.95 -32.64
C GLY A 905 15.24 13.47 -32.60
N LYS A 906 15.79 12.79 -31.60
CA LYS A 906 15.61 11.35 -31.48
C LYS A 906 14.22 10.98 -30.98
N VAL A 907 13.51 11.90 -30.33
CA VAL A 907 12.16 11.62 -29.85
C VAL A 907 11.22 11.38 -31.02
N SER A 908 11.36 12.16 -32.09
CA SER A 908 10.56 11.93 -33.29
C SER A 908 10.88 10.57 -33.91
N GLU A 909 12.17 10.19 -33.90
CA GLU A 909 12.54 8.86 -34.36
C GLU A 909 11.94 7.78 -33.45
N TYR A 910 11.93 8.03 -32.14
CA TYR A 910 11.36 7.05 -31.21
C TYR A 910 9.86 6.92 -31.38
N PHE A 911 9.16 8.03 -31.62
CA PHE A 911 7.72 7.97 -31.79
C PHE A 911 7.33 7.15 -33.01
N ASP A 912 8.12 7.25 -34.08
CA ASP A 912 7.84 6.48 -35.29
C ASP A 912 7.95 4.99 -35.03
N ALA A 913 8.90 4.58 -34.19
CA ALA A 913 9.07 3.16 -33.89
C ALA A 913 7.84 2.59 -33.22
N VAL A 914 7.20 3.36 -32.34
CA VAL A 914 6.00 2.88 -31.66
C VAL A 914 4.88 2.64 -32.66
N ASN A 915 4.70 3.55 -33.62
CA ASN A 915 3.67 3.38 -34.63
C ASN A 915 3.97 2.20 -35.55
N ASP A 916 5.25 1.87 -35.72
CA ASP A 916 5.63 0.82 -36.67
C ASP A 916 5.48 -0.57 -36.04
N GLU A 917 6.24 -0.84 -34.97
CA GLU A 917 6.23 -2.15 -34.35
C GLU A 917 5.07 -2.35 -33.38
N LYS A 918 4.36 -1.28 -33.02
CA LYS A 918 3.17 -1.35 -32.15
C LYS A 918 3.51 -1.95 -30.79
N LYS A 919 4.54 -1.41 -30.16
CA LYS A 919 4.88 -1.68 -28.77
C LYS A 919 5.60 -0.45 -28.24
N TYR A 920 6.03 -0.51 -26.99
CA TYR A 920 6.62 0.69 -26.41
C TYR A 920 8.06 0.80 -26.86
N ASN A 921 8.74 1.88 -26.47
CA ASN A 921 10.14 2.07 -26.79
C ASN A 921 10.96 2.10 -25.50
N ASP A 922 11.95 1.21 -25.42
CA ASP A 922 12.82 1.17 -24.25
C ASP A 922 13.64 2.45 -24.14
N ARG A 923 14.15 2.94 -25.27
CA ARG A 923 14.98 4.14 -25.25
C ARG A 923 14.21 5.36 -24.79
N LEU A 924 12.95 5.48 -25.21
CA LEU A 924 12.14 6.62 -24.81
C LEU A 924 11.88 6.62 -23.31
N LEU A 925 11.73 5.43 -22.72
CA LEU A 925 11.47 5.35 -21.29
C LEU A 925 12.66 5.83 -20.47
N LYS A 926 13.88 5.54 -20.95
CA LYS A 926 15.07 6.00 -20.23
C LYS A 926 15.17 7.52 -20.23
N LEU A 927 14.81 8.16 -21.36
CA LEU A 927 14.81 9.62 -21.40
C LEU A 927 13.74 10.20 -20.49
N LEU A 928 12.59 9.53 -20.40
CA LEU A 928 11.52 9.99 -19.52
C LEU A 928 11.84 9.72 -18.05
N CYS A 929 12.78 8.85 -17.74
CA CYS A 929 13.18 8.56 -16.37
C CYS A 929 14.46 9.30 -15.96
N VAL A 930 14.93 10.22 -16.79
CA VAL A 930 16.09 11.03 -16.42
C VAL A 930 15.87 11.79 -15.12
N PRO A 931 14.69 12.36 -14.83
CA PRO A 931 14.50 13.00 -13.52
C PRO A 931 14.86 12.13 -12.33
N PHE A 932 14.81 10.81 -12.46
CA PHE A 932 15.15 9.89 -11.38
C PHE A 932 16.61 9.46 -11.42
N GLY A 933 17.45 10.11 -12.23
CA GLY A 933 18.80 9.65 -12.45
C GLY A 933 19.74 9.85 -11.27
N TYR A 934 19.43 10.78 -10.38
CA TYR A 934 20.31 11.03 -9.24
C TYR A 934 20.22 9.92 -8.19
N CYS A 935 19.18 9.09 -8.24
CA CYS A 935 19.03 7.94 -7.37
C CYS A 935 19.06 6.71 -8.26
N ILE A 936 20.20 6.01 -8.27
CA ILE A 936 20.39 4.91 -9.21
C ILE A 936 19.38 3.77 -8.99
N PRO A 937 19.14 3.29 -7.76
CA PRO A 937 18.17 2.19 -7.60
C PRO A 937 16.78 2.52 -8.12
N ARG A 938 16.31 3.76 -7.92
CA ARG A 938 15.00 4.14 -8.44
C ARG A 938 15.05 4.33 -9.95
N PHE A 939 16.17 4.83 -10.47
CA PHE A 939 16.32 5.00 -11.91
C PHE A 939 16.27 3.65 -12.63
N LYS A 940 16.94 2.64 -12.08
CA LYS A 940 16.98 1.34 -12.73
C LYS A 940 15.67 0.58 -12.56
N ASN A 941 15.06 0.66 -11.37
CA ASN A 941 13.83 -0.09 -11.13
C ASN A 941 12.69 0.41 -12.01
N LEU A 942 12.59 1.73 -12.21
CA LEU A 942 11.50 2.32 -12.95
C LEU A 942 11.70 2.32 -14.46
N SER A 943 12.88 1.90 -14.94
CA SER A 943 13.18 1.96 -16.35
C SER A 943 13.47 0.61 -16.99
N ILE A 944 13.74 -0.42 -16.20
CA ILE A 944 14.01 -1.77 -16.72
C ILE A 944 12.91 -2.69 -16.21
N GLU A 945 12.32 -3.45 -17.13
CA GLU A 945 11.20 -4.33 -16.76
C GLU A 945 11.63 -5.43 -15.79
N ALA A 946 12.86 -5.92 -15.93
CA ALA A 946 13.31 -7.04 -15.11
C ALA A 946 13.34 -6.69 -13.63
N LEU A 947 13.66 -5.45 -13.29
CA LEU A 947 13.78 -5.03 -11.90
C LEU A 947 12.57 -4.26 -11.40
N PHE A 948 11.49 -4.19 -12.19
CA PHE A 948 10.36 -3.37 -11.80
C PHE A 948 9.51 -4.04 -10.72
N ASP A 949 9.08 -5.27 -10.94
CA ASP A 949 8.17 -5.98 -10.05
C ASP A 949 8.95 -7.00 -9.23
N ARG A 950 8.74 -6.97 -7.90
CA ARG A 950 9.43 -7.91 -7.03
C ARG A 950 8.88 -9.33 -7.18
N ASN A 951 7.58 -9.45 -7.45
CA ASN A 951 6.94 -10.76 -7.53
C ASN A 951 7.23 -11.47 -8.84
N GLU A 952 7.66 -10.75 -9.87
CA GLU A 952 7.99 -11.34 -11.17
C GLU A 952 9.50 -11.28 -11.32
N ALA A 953 10.18 -12.30 -10.79
CA ALA A 953 11.63 -12.37 -10.87
C ALA A 953 12.06 -13.74 -11.38
N ALA A 954 11.19 -14.74 -11.18
CA ALA A 954 11.45 -16.06 -11.73
C ALA A 954 11.44 -16.05 -13.25
N LYS A 955 10.56 -15.25 -13.85
CA LYS A 955 10.48 -15.18 -15.30
C LYS A 955 11.76 -14.63 -15.90
N PHE A 956 12.35 -13.62 -15.27
CA PHE A 956 13.58 -13.03 -15.76
C PHE A 956 14.80 -13.66 -15.10
MG MG C . 14.26 3.06 4.28
#